data_2WXO
#
_entry.id   2WXO
#
_cell.length_a   142.890
_cell.length_b   64.170
_cell.length_c   117.000
_cell.angle_alpha   90.00
_cell.angle_beta   103.33
_cell.angle_gamma   90.00
#
_symmetry.space_group_name_H-M   'C 1 2 1'
#
loop_
_entity.id
_entity.type
_entity.pdbx_description
1 polymer 'PHOSPHATIDYLINOSITOL-4,5-BISPHOSPHATE 3-KINASE CATALYTIC SUBUNIT DELTA ISOFORM'
2 non-polymer N-(3-{[(1Z)-3,5-DIMETHOXYCYCLOHEXA-2,4-DIEN-1-YLIDENE]AMINO}QUINOXALIN-2-YL)-4-FLUOROBENZENESULFONAMIDE
3 water water
#
_entity_poly.entity_id   1
_entity_poly.type   'polypeptide(L)'
_entity_poly.pdbx_seq_one_letter_code
;GGDRVKKLINSQISLLIGKGLHEFDSLRDPEVNDFRTKMRQFCEEAAAHRQQLGWVEWLQYSFPLQLEPSARGWRAGLLR
VSNRALLVNVKFEGSEESFTFQVSTKDMPLALMACALRKKATVFRQPLVEQPEEYALQVNGRHEYLYGNYPLCHFQYICS
CLHSGLTPHLTMVHSSSILAMRDEQSNPAPQVQKPRAKPPPIPAKKPSSVSLWSLEQPFSIELIEGRKVNADERMKLVVQ
AGLFHGNEMLCKTVSSSEVNVCSEPVWKQRLEFDISVCDLPRMARLCFALYAVVEKAKKARSTKKKSKKADCPIAWANLM
LFDYKDQLKTGERCLYMWPSVPDEKGELLNPAGTVRGNPNTESAAALVIYLPEVAPHPVYFPALEKILELGRHGERGRIT
EEEQLQLREILERRGSGELYEHEKDLVWKMRHEVQEHFPEALARLLLVTKWNKHEDVAQMLYLLCSWPELPVLSALELLD
FSFPDCYVGSFAIKSLRKLTDDELFQYLLQLVQVLKYESYLDCELTKFLLGRALANRKIGHFLFWHLRSEMHVPSVALRF
GLIMEAYCRGSTHHMKVLMKQGEALSKLKALNDFVKVSSQKTTKPQTKEMMHMCMRQETYMEALSHLQSPLDPSTLLEEV
CVEQCTFMDSKMKPLWIMYSSEEAGSAGNVGIIFKNGDDLRQDMLTLQMIQLMDVLWKQEGLDLRMTPYGCLPTGDRTGL
IEVVLHSDTIANIQLNKSNMAATAAFNKDALLNWLKSKNPGEALDRAIEEFTLSCAGYCVATYVLGIGDRHSDNIMIRES
GQLFHIDFGHFLGNFKTKFGINRERVPFILTYDFVHVIQQGKTNNSEKFERFRGYCERAYTILRRHGLLFLHLFALMRAA
GLPELSCSKDIQYLKDSLALGKTEEEALKHFRVKFNEALRESWKTKVNWLAHNVSKDNRQ
;
_entity_poly.pdbx_strand_id   A
#
loop_
_chem_comp.id
_chem_comp.type
_chem_comp.name
_chem_comp.formula
ZZP non-polymer N-(3-{[(1Z)-3,5-DIMETHOXYCYCLOHEXA-2,4-DIEN-1-YLIDENE]AMINO}QUINOXALIN-2-YL)-4-FLUOROBENZENESULFONAMIDE 'C22 H19 F N4 O4 S'
#
# COMPACT_ATOMS: atom_id res chain seq x y z
N VAL A 5 -33.63 7.71 -9.39
CA VAL A 5 -32.17 8.03 -9.50
C VAL A 5 -31.39 7.34 -8.37
N LYS A 6 -31.99 7.34 -7.18
CA LYS A 6 -31.48 6.62 -6.01
C LYS A 6 -31.26 5.11 -6.30
N LYS A 7 -32.21 4.50 -7.03
CA LYS A 7 -32.08 3.12 -7.50
C LYS A 7 -30.90 2.96 -8.46
N LEU A 8 -30.75 3.90 -9.39
CA LEU A 8 -29.65 3.85 -10.37
C LEU A 8 -28.28 3.89 -9.66
N ILE A 9 -28.09 4.87 -8.78
CA ILE A 9 -26.85 5.01 -8.02
C ILE A 9 -26.54 3.73 -7.24
N ASN A 10 -27.53 3.22 -6.52
CA ASN A 10 -27.42 1.98 -5.77
C ASN A 10 -26.97 0.82 -6.64
N SER A 11 -27.55 0.69 -7.82
CA SER A 11 -27.13 -0.37 -8.72
C SER A 11 -25.70 -0.13 -9.23
N GLN A 12 -25.36 1.11 -9.53
CA GLN A 12 -23.98 1.41 -9.94
C GLN A 12 -22.92 1.09 -8.87
N ILE A 13 -23.24 1.42 -7.61
CA ILE A 13 -22.39 1.07 -6.47
C ILE A 13 -22.22 -0.44 -6.33
N SER A 14 -23.27 -1.20 -6.56
CA SER A 14 -23.18 -2.67 -6.48
C SER A 14 -22.26 -3.21 -7.57
N LEU A 15 -22.37 -2.65 -8.77
CA LEU A 15 -21.51 -3.07 -9.86
C LEU A 15 -20.06 -2.70 -9.54
N LEU A 16 -19.85 -1.47 -9.08
CA LEU A 16 -18.51 -0.96 -8.80
C LEU A 16 -17.77 -1.76 -7.73
N ILE A 17 -18.44 -1.98 -6.60
CA ILE A 17 -17.76 -2.52 -5.43
C ILE A 17 -17.68 -4.04 -5.47
N GLY A 18 -18.35 -4.65 -6.46
CA GLY A 18 -18.34 -6.08 -6.62
C GLY A 18 -19.14 -6.85 -5.58
N LYS A 19 -20.19 -6.22 -5.07
CA LYS A 19 -21.11 -6.84 -4.12
C LYS A 19 -22.41 -6.08 -4.18
N GLY A 20 -23.52 -6.82 -4.37
CA GLY A 20 -24.86 -6.22 -4.43
C GLY A 20 -25.25 -5.73 -3.06
N LEU A 21 -25.77 -4.50 -2.99
CA LEU A 21 -26.09 -3.84 -1.71
C LEU A 21 -27.21 -4.54 -0.93
N HIS A 22 -27.97 -5.38 -1.63
CA HIS A 22 -29.03 -6.19 -1.04
C HIS A 22 -28.43 -7.20 -0.06
N GLU A 23 -27.21 -7.63 -0.33
CA GLU A 23 -26.52 -8.57 0.53
C GLU A 23 -26.24 -8.01 1.93
N PHE A 24 -26.08 -6.69 2.02
CA PHE A 24 -25.96 -6.03 3.31
C PHE A 24 -27.26 -6.10 4.12
N ASP A 25 -28.39 -5.95 3.43
CA ASP A 25 -29.69 -5.95 4.10
C ASP A 25 -30.05 -7.34 4.60
N SER A 26 -29.75 -8.35 3.79
CA SER A 26 -30.08 -9.74 4.07
C SER A 26 -29.44 -10.29 5.33
N LEU A 27 -28.37 -9.63 5.77
CA LEU A 27 -27.71 -10.01 7.01
C LEU A 27 -28.55 -9.68 8.25
N ARG A 28 -29.56 -8.84 8.07
CA ARG A 28 -30.41 -8.37 9.17
C ARG A 28 -29.54 -8.11 10.41
N ASP A 29 -28.46 -7.35 10.23
CA ASP A 29 -27.44 -7.17 11.25
C ASP A 29 -27.32 -5.71 11.71
N PRO A 30 -27.68 -5.42 12.98
CA PRO A 30 -27.66 -4.06 13.54
C PRO A 30 -26.36 -3.29 13.28
N GLU A 31 -25.20 -3.94 13.47
CA GLU A 31 -23.91 -3.27 13.35
C GLU A 31 -23.67 -2.79 11.90
N VAL A 32 -23.86 -3.69 10.94
CA VAL A 32 -23.83 -3.35 9.53
C VAL A 32 -24.73 -2.13 9.25
N ASN A 33 -25.98 -2.21 9.74
CA ASN A 33 -26.97 -1.15 9.54
C ASN A 33 -26.55 0.20 10.13
N ASP A 34 -25.88 0.15 11.27
CA ASP A 34 -25.44 1.37 11.95
C ASP A 34 -24.23 1.99 11.26
N PHE A 35 -23.30 1.14 10.83
CA PHE A 35 -22.15 1.57 10.06
C PHE A 35 -22.59 2.24 8.76
N ARG A 36 -23.50 1.59 8.03
CA ARG A 36 -23.99 2.15 6.77
C ARG A 36 -24.66 3.51 6.96
N THR A 37 -25.55 3.62 7.94
CA THR A 37 -26.27 4.87 8.13
C THR A 37 -25.38 6.00 8.69
N LYS A 38 -24.54 5.67 9.67
CA LYS A 38 -23.59 6.62 10.26
C LYS A 38 -22.63 7.08 9.19
N MET A 39 -21.96 6.12 8.56
CA MET A 39 -20.96 6.43 7.57
C MET A 39 -21.54 7.11 6.35
N ARG A 40 -22.77 6.79 5.99
CA ARG A 40 -23.39 7.47 4.86
C ARG A 40 -23.49 8.96 5.15
N GLN A 41 -23.96 9.28 6.35
CA GLN A 41 -24.14 10.65 6.78
C GLN A 41 -22.82 11.42 6.83
N PHE A 42 -21.78 10.78 7.37
CA PHE A 42 -20.46 11.39 7.47
C PHE A 42 -19.90 11.73 6.07
N CYS A 43 -19.99 10.77 5.16
CA CYS A 43 -19.51 10.94 3.81
C CYS A 43 -20.28 12.02 3.03
N GLU A 44 -21.60 11.98 3.15
CA GLU A 44 -22.43 13.01 2.53
C GLU A 44 -22.08 14.44 3.00
N GLU A 45 -21.84 14.61 4.31
CA GLU A 45 -21.39 15.90 4.83
C GLU A 45 -20.09 16.36 4.15
N ALA A 46 -19.10 15.48 4.09
CA ALA A 46 -17.84 15.80 3.42
C ALA A 46 -18.02 16.30 1.98
N ALA A 47 -18.95 15.68 1.24
CA ALA A 47 -19.27 16.14 -0.13
C ALA A 47 -19.91 17.54 -0.18
N ALA A 48 -20.77 17.85 0.80
CA ALA A 48 -21.41 19.18 0.86
C ALA A 48 -20.36 20.26 1.09
N HIS A 49 -19.45 19.97 2.02
CA HIS A 49 -18.28 20.80 2.31
C HIS A 49 -17.49 21.05 1.04
N ARG A 50 -17.25 19.99 0.30
CA ARG A 50 -16.49 20.01 -0.94
C ARG A 50 -17.16 20.84 -2.05
N GLN A 51 -18.49 20.84 -2.11
CA GLN A 51 -19.20 21.53 -3.19
C GLN A 51 -19.12 23.04 -3.12
N GLN A 52 -18.57 23.52 -1.99
CA GLN A 52 -18.43 24.93 -1.73
C GLN A 52 -16.99 25.39 -1.43
N LEU A 53 -16.00 24.54 -1.69
CA LEU A 53 -14.59 24.95 -1.61
C LEU A 53 -14.28 26.05 -2.63
N GLY A 54 -13.30 26.90 -2.31
CA GLY A 54 -12.76 27.83 -3.28
C GLY A 54 -12.12 27.07 -4.43
N TRP A 55 -11.94 27.74 -5.57
CA TRP A 55 -11.38 27.06 -6.73
C TRP A 55 -9.96 26.57 -6.51
N VAL A 56 -9.12 27.32 -5.82
CA VAL A 56 -7.81 26.79 -5.51
C VAL A 56 -7.94 25.59 -4.55
N GLU A 57 -8.85 25.69 -3.57
CA GLU A 57 -9.08 24.58 -2.65
C GLU A 57 -9.61 23.36 -3.37
N TRP A 58 -10.46 23.57 -4.37
CA TRP A 58 -10.98 22.48 -5.18
C TRP A 58 -9.86 21.80 -5.96
N LEU A 59 -8.95 22.59 -6.52
CA LEU A 59 -7.77 22.04 -7.17
C LEU A 59 -7.03 21.16 -6.20
N GLN A 60 -6.73 21.71 -5.02
CA GLN A 60 -6.07 20.94 -3.96
C GLN A 60 -6.72 19.58 -3.74
N TYR A 61 -8.05 19.54 -3.76
CA TYR A 61 -8.78 18.29 -3.59
C TYR A 61 -8.58 17.33 -4.77
N SER A 62 -8.67 17.88 -5.97
CA SER A 62 -8.88 17.09 -7.18
C SER A 62 -7.59 16.77 -7.94
N PHE A 63 -6.67 17.73 -7.97
CA PHE A 63 -5.36 17.53 -8.53
C PHE A 63 -4.33 17.98 -7.49
N PRO A 64 -4.11 17.14 -6.45
CA PRO A 64 -3.14 17.54 -5.43
C PRO A 64 -1.76 17.71 -6.05
N LEU A 65 -0.98 18.62 -5.49
CA LEU A 65 0.33 18.93 -6.06
C LEU A 65 1.32 17.77 -5.99
N GLN A 66 2.16 17.69 -7.01
CA GLN A 66 3.16 16.64 -7.12
C GLN A 66 4.50 17.34 -7.04
N LEU A 67 5.03 17.38 -5.82
CA LEU A 67 6.24 18.11 -5.49
C LEU A 67 7.42 17.16 -5.22
N GLU A 68 8.64 17.65 -5.42
CA GLU A 68 9.84 16.87 -5.10
C GLU A 68 9.96 16.74 -3.57
N PRO A 69 10.50 15.60 -3.10
CA PRO A 69 10.62 15.34 -1.65
C PRO A 69 11.49 16.35 -0.89
N ASN A 83 18.86 31.12 -10.99
CA ASN A 83 19.74 29.96 -11.03
C ASN A 83 19.92 29.45 -12.46
N ARG A 84 19.20 28.38 -12.82
CA ARG A 84 19.31 27.77 -14.15
C ARG A 84 18.11 28.04 -15.04
N ALA A 85 18.38 28.33 -16.31
CA ALA A 85 17.34 28.66 -17.29
C ALA A 85 16.69 27.40 -17.88
N LEU A 86 15.43 27.51 -18.27
CA LEU A 86 14.77 26.46 -19.06
C LEU A 86 13.71 27.02 -20.01
N LEU A 87 13.45 26.30 -21.09
CA LEU A 87 12.37 26.66 -22.01
C LEU A 87 11.06 25.97 -21.66
N VAL A 88 9.97 26.70 -21.81
CA VAL A 88 8.63 26.20 -21.50
C VAL A 88 7.68 26.68 -22.59
N ASN A 89 6.68 25.86 -22.91
CA ASN A 89 5.62 26.22 -23.85
C ASN A 89 4.28 26.41 -23.11
N VAL A 90 3.54 27.47 -23.45
CA VAL A 90 2.27 27.80 -22.79
C VAL A 90 1.19 28.19 -23.80
N LYS A 91 -0.05 27.80 -23.50
CA LYS A 91 -1.21 28.08 -24.34
C LYS A 91 -2.41 28.28 -23.45
N PHE A 92 -3.46 28.89 -23.98
CA PHE A 92 -4.69 29.09 -23.21
C PHE A 92 -5.73 28.04 -23.58
N GLU A 93 -6.71 27.81 -22.70
CA GLU A 93 -7.65 26.68 -22.85
C GLU A 93 -8.41 26.62 -24.19
N GLY A 94 -8.86 27.77 -24.69
CA GLY A 94 -9.73 27.81 -25.87
C GLY A 94 -9.08 27.90 -27.24
N SER A 95 -7.77 28.14 -27.29
CA SER A 95 -7.08 28.42 -28.55
C SER A 95 -5.91 27.47 -28.86
N GLU A 96 -5.56 27.38 -30.14
CA GLU A 96 -4.42 26.58 -30.60
C GLU A 96 -3.09 27.32 -30.49
N GLU A 97 -3.14 28.64 -30.67
CA GLU A 97 -1.95 29.48 -30.59
C GLU A 97 -1.22 29.30 -29.24
N SER A 98 0.11 29.35 -29.30
CA SER A 98 0.95 29.06 -28.13
C SER A 98 2.30 29.77 -28.20
N PHE A 99 2.88 30.00 -27.03
CA PHE A 99 4.11 30.78 -26.91
C PHE A 99 5.16 29.96 -26.17
N THR A 100 6.41 30.06 -26.61
CA THR A 100 7.52 29.43 -25.89
C THR A 100 8.31 30.50 -25.15
N PHE A 101 8.49 30.28 -23.84
CA PHE A 101 9.15 31.23 -22.94
C PHE A 101 10.46 30.68 -22.39
N GLN A 102 11.42 31.58 -22.18
CA GLN A 102 12.58 31.25 -21.37
C GLN A 102 12.32 31.71 -19.94
N VAL A 103 12.46 30.79 -18.99
CA VAL A 103 12.30 31.10 -17.58
C VAL A 103 13.42 30.49 -16.74
N SER A 104 13.51 30.92 -15.49
CA SER A 104 14.46 30.38 -14.55
C SER A 104 13.76 29.33 -13.70
N THR A 105 14.45 28.21 -13.48
CA THR A 105 13.96 27.14 -12.61
C THR A 105 13.50 27.66 -11.24
N LYS A 106 13.98 28.85 -10.85
CA LYS A 106 13.65 29.44 -9.56
C LYS A 106 12.34 30.25 -9.57
N ASP A 107 11.80 30.51 -10.76
CA ASP A 107 10.57 31.30 -10.88
C ASP A 107 9.33 30.56 -10.35
N MET A 108 8.42 31.33 -9.76
CA MET A 108 7.13 30.82 -9.31
C MET A 108 6.25 30.63 -10.53
N PRO A 109 5.22 29.76 -10.42
CA PRO A 109 4.23 29.62 -11.49
C PRO A 109 3.60 30.96 -11.88
N LEU A 110 3.42 31.83 -10.89
CA LEU A 110 2.77 33.13 -11.08
C LEU A 110 3.53 34.03 -12.04
N ALA A 111 4.86 33.93 -12.03
CA ALA A 111 5.71 34.74 -12.90
C ALA A 111 5.51 34.30 -14.34
N LEU A 112 5.57 32.99 -14.54
CA LEU A 112 5.32 32.36 -15.82
C LEU A 112 3.93 32.73 -16.37
N MET A 113 2.93 32.72 -15.49
CA MET A 113 1.57 33.10 -15.90
C MET A 113 1.47 34.57 -16.33
N ALA A 114 2.30 35.44 -15.75
CA ALA A 114 2.37 36.85 -16.14
C ALA A 114 2.94 37.01 -17.55
N CYS A 115 3.95 36.21 -17.89
CA CYS A 115 4.50 36.20 -19.25
C CYS A 115 3.46 35.73 -20.26
N ALA A 116 2.71 34.69 -19.88
CA ALA A 116 1.70 34.12 -20.74
C ALA A 116 0.66 35.18 -21.12
N LEU A 117 0.27 35.99 -20.15
CA LEU A 117 -0.78 36.99 -20.34
C LEU A 117 -0.30 38.22 -21.10
N ARG A 118 0.93 38.64 -20.84
CA ARG A 118 1.53 39.76 -21.54
C ARG A 118 1.70 39.41 -23.01
N LYS A 119 2.03 38.15 -23.29
CA LYS A 119 2.05 37.63 -24.65
C LYS A 119 0.66 37.56 -25.29
N LYS A 120 -0.33 37.04 -24.56
CA LYS A 120 -1.72 37.04 -25.03
C LYS A 120 -2.20 38.46 -25.32
N ALA A 121 -1.90 39.38 -24.42
CA ALA A 121 -2.34 40.76 -24.54
C ALA A 121 -1.79 41.47 -25.79
N THR A 122 -0.54 41.22 -26.14
CA THR A 122 0.07 41.87 -27.30
C THR A 122 -0.43 41.30 -28.64
N VAL A 123 -0.39 39.97 -28.80
CA VAL A 123 -0.95 39.32 -29.98
C VAL A 123 -2.43 39.67 -30.13
N PHE A 124 -3.17 39.59 -29.03
CA PHE A 124 -4.63 39.77 -29.03
C PHE A 124 -5.08 41.23 -28.78
N ARG A 125 -4.13 42.16 -28.87
CA ARG A 125 -4.35 43.61 -28.73
C ARG A 125 -5.01 44.09 -27.42
N GLN A 126 -4.84 43.31 -26.35
CA GLN A 126 -5.39 43.62 -25.01
C GLN A 126 -6.91 43.72 -25.00
N GLN A 131 -4.63 39.53 -15.05
CA GLN A 131 -4.53 39.11 -13.66
C GLN A 131 -4.11 37.64 -13.49
N PRO A 132 -2.82 37.40 -13.15
CA PRO A 132 -2.23 36.07 -13.02
C PRO A 132 -2.92 35.17 -11.99
N GLU A 133 -3.35 35.77 -10.89
CA GLU A 133 -3.92 35.02 -9.77
C GLU A 133 -5.23 34.30 -10.09
N GLU A 134 -5.77 34.58 -11.28
CA GLU A 134 -7.01 33.98 -11.77
C GLU A 134 -6.79 32.63 -12.42
N TYR A 135 -5.55 32.21 -12.51
CA TYR A 135 -5.21 31.02 -13.29
C TYR A 135 -4.47 29.95 -12.53
N ALA A 136 -4.60 28.73 -13.03
CA ALA A 136 -3.69 27.65 -12.72
C ALA A 136 -3.07 27.14 -14.01
N LEU A 137 -1.90 26.55 -13.91
CA LEU A 137 -1.25 25.90 -15.05
C LEU A 137 -1.47 24.38 -15.06
N GLN A 138 -2.27 23.90 -16.02
CA GLN A 138 -2.40 22.46 -16.26
C GLN A 138 -1.23 21.93 -17.07
N VAL A 139 -0.76 20.72 -16.71
CA VAL A 139 0.15 19.97 -17.57
C VAL A 139 -0.68 19.40 -18.72
N ASN A 140 -0.20 19.57 -19.95
CA ASN A 140 -0.98 19.19 -21.14
C ASN A 140 -1.34 17.71 -21.15
N GLY A 141 -2.63 17.43 -21.33
CA GLY A 141 -3.16 16.08 -21.38
C GLY A 141 -3.02 15.21 -20.15
N ARG A 142 -2.80 15.83 -18.98
CA ARG A 142 -2.79 15.13 -17.69
C ARG A 142 -3.72 15.85 -16.74
N HIS A 143 -4.23 15.14 -15.73
CA HIS A 143 -4.88 15.78 -14.61
C HIS A 143 -3.86 16.28 -13.58
N GLU A 144 -2.97 17.16 -14.01
CA GLU A 144 -1.93 17.67 -13.14
C GLU A 144 -1.83 19.18 -13.30
N TYR A 145 -1.62 19.87 -12.18
CA TYR A 145 -1.63 21.31 -12.19
C TYR A 145 -0.44 21.92 -11.48
N LEU A 146 -0.07 23.13 -11.86
CA LEU A 146 1.03 23.85 -11.24
C LEU A 146 0.56 25.18 -10.67
N TYR A 147 0.64 25.28 -9.35
CA TYR A 147 0.19 26.44 -8.61
C TYR A 147 0.89 26.41 -7.27
N GLY A 148 0.87 27.53 -6.56
CA GLY A 148 1.51 27.62 -5.26
C GLY A 148 2.79 28.43 -5.34
N ASN A 149 3.31 28.81 -4.17
CA ASN A 149 4.60 29.51 -4.07
C ASN A 149 5.71 28.48 -4.02
N TYR A 150 6.07 27.95 -5.18
CA TYR A 150 7.17 26.99 -5.28
C TYR A 150 7.94 27.31 -6.54
N PRO A 151 9.27 27.35 -6.47
CA PRO A 151 10.03 27.46 -7.71
C PRO A 151 9.72 26.26 -8.60
N LEU A 152 9.68 26.50 -9.90
CA LEU A 152 9.25 25.51 -10.88
C LEU A 152 9.87 24.12 -10.69
N CYS A 153 11.16 24.07 -10.37
CA CYS A 153 11.82 22.77 -10.26
C CYS A 153 11.48 22.00 -8.98
N HIS A 154 10.70 22.61 -8.08
CA HIS A 154 10.15 21.90 -6.91
C HIS A 154 8.97 21.03 -7.35
N PHE A 155 8.31 21.43 -8.44
CA PHE A 155 7.26 20.62 -9.07
C PHE A 155 7.89 19.43 -9.78
N GLN A 156 7.47 18.23 -9.40
CA GLN A 156 7.99 16.98 -10.01
C GLN A 156 8.08 17.03 -11.53
N TYR A 157 7.06 17.61 -12.16
CA TYR A 157 6.99 17.64 -13.61
C TYR A 157 8.05 18.53 -14.25
N ILE A 158 8.30 19.70 -13.68
CA ILE A 158 9.34 20.58 -14.23
C ILE A 158 10.70 19.96 -14.00
N CYS A 159 10.92 19.43 -12.79
CA CYS A 159 12.16 18.73 -12.46
C CYS A 159 12.44 17.56 -13.43
N SER A 160 11.41 16.76 -13.69
CA SER A 160 11.48 15.62 -14.61
C SER A 160 11.88 16.04 -16.02
N CYS A 161 11.30 17.16 -16.46
CA CYS A 161 11.56 17.70 -17.80
C CYS A 161 13.01 18.08 -18.01
N LEU A 162 13.65 18.54 -16.94
CA LEU A 162 15.07 18.92 -16.96
C LEU A 162 15.96 17.69 -17.17
N HIS A 163 15.72 16.64 -16.40
CA HIS A 163 16.50 15.42 -16.51
C HIS A 163 16.29 14.66 -17.83
N SER A 164 15.03 14.57 -18.27
CA SER A 164 14.73 13.89 -19.54
C SER A 164 15.13 14.74 -20.75
N GLY A 165 15.34 16.04 -20.54
CA GLY A 165 15.73 16.96 -21.61
C GLY A 165 14.57 17.74 -22.19
N LEU A 166 13.36 17.25 -21.95
CA LEU A 166 12.12 17.78 -22.52
C LEU A 166 11.75 19.21 -22.11
N THR A 167 10.90 19.84 -22.93
CA THR A 167 10.31 21.16 -22.66
C THR A 167 8.96 20.97 -21.97
N PRO A 168 8.77 21.60 -20.79
CA PRO A 168 7.42 21.54 -20.23
C PRO A 168 6.39 22.25 -21.12
N HIS A 169 5.23 21.62 -21.28
CA HIS A 169 4.11 22.18 -22.04
C HIS A 169 2.92 22.35 -21.12
N LEU A 170 2.55 23.60 -20.86
CA LEU A 170 1.49 23.90 -19.90
C LEU A 170 0.33 24.64 -20.53
N THR A 171 -0.85 24.56 -19.91
CA THR A 171 -2.01 25.31 -20.37
C THR A 171 -2.53 26.18 -19.24
N MET A 172 -2.74 27.46 -19.57
CA MET A 172 -3.35 28.44 -18.69
C MET A 172 -4.83 28.15 -18.53
N VAL A 173 -5.23 27.80 -17.31
CA VAL A 173 -6.64 27.52 -17.05
C VAL A 173 -7.17 28.55 -16.07
N HIS A 174 -8.22 29.24 -16.50
CA HIS A 174 -8.87 30.29 -15.73
C HIS A 174 -9.75 29.71 -14.61
N SER A 175 -9.98 30.50 -13.57
CA SER A 175 -10.72 30.03 -12.39
C SER A 175 -12.17 29.64 -12.66
N SER A 176 -12.81 30.33 -13.59
CA SER A 176 -14.21 30.06 -13.97
C SER A 176 -14.37 28.71 -14.68
N SER A 177 -13.25 28.19 -15.18
CA SER A 177 -13.21 26.89 -15.84
C SER A 177 -13.02 25.80 -14.79
N ILE A 178 -12.14 26.05 -13.83
CA ILE A 178 -11.97 25.16 -12.71
C ILE A 178 -13.25 25.07 -11.87
N LEU A 179 -13.93 26.21 -11.70
CA LEU A 179 -15.17 26.22 -10.93
C LEU A 179 -16.30 25.52 -11.67
N ALA A 180 -16.26 25.61 -13.01
CA ALA A 180 -17.21 24.88 -13.85
C ALA A 180 -17.06 23.36 -13.66
N MET A 181 -15.83 22.91 -13.46
CA MET A 181 -15.53 21.52 -13.14
C MET A 181 -16.07 21.09 -11.79
N ARG A 182 -15.84 21.95 -10.78
CA ARG A 182 -16.37 21.67 -9.45
C ARG A 182 -17.89 21.49 -9.49
N ASP A 183 -18.56 22.34 -10.26
CA ASP A 183 -20.01 22.33 -10.32
C ASP A 183 -20.56 21.05 -10.93
N GLU A 184 -19.95 20.62 -12.02
CA GLU A 184 -20.42 19.44 -12.76
C GLU A 184 -20.28 18.14 -11.98
N GLN A 185 -19.57 18.19 -10.86
CA GLN A 185 -19.19 17.01 -10.09
C GLN A 185 -19.95 16.83 -8.78
N SER A 186 -21.11 17.51 -8.67
CA SER A 186 -21.95 17.44 -7.45
C SER A 186 -22.79 16.16 -7.36
N ASN A 187 -23.13 15.78 -6.12
CA ASN A 187 -23.79 14.49 -5.80
C ASN A 187 -25.25 14.38 -6.28
N LEU A 212 -19.74 -5.85 34.78
CA LEU A 212 -19.07 -4.62 35.19
C LEU A 212 -18.11 -4.99 36.31
N TRP A 213 -17.72 -4.03 37.14
CA TRP A 213 -16.80 -4.30 38.26
C TRP A 213 -17.39 -5.35 39.21
N SER A 214 -18.70 -5.54 39.14
CA SER A 214 -19.44 -6.38 40.08
C SER A 214 -19.03 -7.84 40.10
N LEU A 215 -18.80 -8.41 38.92
CA LEU A 215 -18.81 -9.85 38.74
C LEU A 215 -17.46 -10.53 38.99
N GLU A 216 -17.32 -11.15 40.17
CA GLU A 216 -16.06 -11.80 40.59
C GLU A 216 -15.92 -13.28 40.18
N GLN A 217 -17.01 -13.90 39.76
CA GLN A 217 -16.99 -15.29 39.34
C GLN A 217 -16.09 -15.49 38.09
N PRO A 218 -15.33 -16.60 38.04
CA PRO A 218 -14.42 -16.82 36.92
C PRO A 218 -15.18 -16.99 35.60
N PHE A 219 -14.66 -16.40 34.51
CA PHE A 219 -15.33 -16.50 33.21
C PHE A 219 -15.33 -17.93 32.70
N SER A 220 -16.41 -18.31 32.05
CA SER A 220 -16.58 -19.66 31.55
C SER A 220 -17.59 -19.67 30.41
N ILE A 221 -17.49 -20.68 29.55
CA ILE A 221 -18.41 -20.81 28.44
C ILE A 221 -18.86 -22.25 28.38
N GLU A 222 -20.05 -22.48 27.84
CA GLU A 222 -20.49 -23.83 27.53
C GLU A 222 -20.20 -24.13 26.07
N LEU A 223 -19.48 -25.23 25.85
CA LEU A 223 -19.26 -25.78 24.53
C LEU A 223 -20.33 -26.83 24.29
N ILE A 224 -21.31 -26.50 23.46
CA ILE A 224 -22.43 -27.40 23.20
C ILE A 224 -22.07 -28.50 22.20
N GLU A 225 -22.17 -28.21 20.89
CA GLU A 225 -21.98 -29.22 19.84
C GLU A 225 -21.25 -28.67 18.59
N GLY A 226 -21.08 -29.52 17.58
CA GLY A 226 -20.45 -29.12 16.31
C GLY A 226 -20.97 -29.85 15.07
N ARG A 227 -20.41 -29.51 13.91
CA ARG A 227 -20.73 -30.19 12.63
C ARG A 227 -19.61 -29.97 11.59
N LYS A 228 -18.93 -31.06 11.22
CA LYS A 228 -17.61 -30.99 10.56
C LYS A 228 -17.10 -32.27 9.88
N VAL A 229 -15.94 -32.18 9.24
CA VAL A 229 -15.34 -33.27 8.43
C VAL A 229 -13.90 -33.65 8.85
N ASN A 230 -13.67 -34.92 9.24
CA ASN A 230 -12.30 -35.43 9.50
C ASN A 230 -12.11 -36.95 9.65
N ALA A 231 -10.85 -37.39 9.68
CA ALA A 231 -10.45 -38.80 9.84
C ALA A 231 -10.59 -39.28 11.28
N MET A 235 -9.56 -41.85 15.45
CA MET A 235 -9.11 -40.49 15.78
C MET A 235 -10.14 -39.65 16.54
N LYS A 236 -9.65 -38.76 17.38
CA LYS A 236 -10.50 -37.99 18.31
C LYS A 236 -10.40 -36.48 18.08
N LEU A 237 -11.48 -35.76 18.39
CA LEU A 237 -11.55 -34.30 18.27
C LEU A 237 -11.40 -33.58 19.60
N VAL A 238 -10.70 -32.44 19.60
CA VAL A 238 -10.58 -31.58 20.77
C VAL A 238 -10.80 -30.13 20.37
N VAL A 239 -11.48 -29.38 21.22
CA VAL A 239 -11.57 -27.93 21.06
C VAL A 239 -10.63 -27.28 22.07
N GLN A 240 -9.72 -26.44 21.57
CA GLN A 240 -8.91 -25.60 22.43
C GLN A 240 -9.41 -24.17 22.34
N ALA A 241 -9.44 -23.50 23.48
CA ALA A 241 -9.89 -22.13 23.57
C ALA A 241 -9.02 -21.29 24.52
N GLY A 242 -8.59 -20.13 24.03
CA GLY A 242 -7.82 -19.17 24.83
C GLY A 242 -8.38 -17.77 24.73
N LEU A 243 -8.15 -16.96 25.76
CA LEU A 243 -8.58 -15.56 25.76
C LEU A 243 -7.38 -14.70 25.49
N PHE A 244 -7.53 -13.77 24.55
CA PHE A 244 -6.44 -12.93 24.11
C PHE A 244 -6.82 -11.46 24.15
N HIS A 245 -5.82 -10.64 24.45
CA HIS A 245 -5.86 -9.20 24.24
C HIS A 245 -4.64 -8.96 23.36
N GLY A 246 -4.87 -8.81 22.06
CA GLY A 246 -3.79 -8.74 21.07
C GLY A 246 -3.15 -10.10 20.90
N ASN A 247 -1.82 -10.12 21.05
CA ASN A 247 -1.04 -11.34 20.98
C ASN A 247 -1.04 -12.12 22.28
N GLU A 248 -0.97 -11.38 23.39
CA GLU A 248 -0.85 -11.94 24.73
C GLU A 248 -2.07 -12.70 25.23
N MET A 249 -1.82 -13.84 25.86
CA MET A 249 -2.87 -14.58 26.54
C MET A 249 -3.21 -13.88 27.85
N LEU A 250 -4.50 -13.74 28.11
CA LEU A 250 -4.97 -13.19 29.38
C LEU A 250 -4.96 -14.26 30.50
N CYS A 251 -4.69 -15.50 30.12
CA CYS A 251 -4.55 -16.66 31.02
C CYS A 251 -4.31 -17.90 30.16
N LYS A 252 -4.04 -19.04 30.81
CA LYS A 252 -3.75 -20.29 30.10
C LYS A 252 -4.89 -20.76 29.21
N THR A 253 -4.58 -21.62 28.23
CA THR A 253 -5.58 -22.09 27.27
C THR A 253 -6.22 -23.41 27.67
N VAL A 254 -7.50 -23.37 28.04
CA VAL A 254 -8.25 -24.59 28.44
C VAL A 254 -8.62 -25.48 27.24
N SER A 255 -8.97 -26.75 27.52
CA SER A 255 -9.25 -27.72 26.46
C SER A 255 -10.54 -28.50 26.69
N SER A 256 -11.01 -29.16 25.63
CA SER A 256 -12.08 -30.15 25.72
C SER A 256 -11.53 -31.48 26.20
N SER A 257 -12.41 -32.47 26.34
CA SER A 257 -11.97 -33.85 26.50
C SER A 257 -12.12 -34.55 25.14
N GLU A 258 -11.18 -35.45 24.84
CA GLU A 258 -11.17 -36.20 23.57
C GLU A 258 -12.48 -36.91 23.30
N VAL A 259 -13.14 -36.51 22.21
CA VAL A 259 -14.38 -37.12 21.75
C VAL A 259 -14.17 -37.58 20.31
N ASN A 260 -14.63 -38.80 20.02
CA ASN A 260 -14.44 -39.43 18.71
C ASN A 260 -14.86 -38.56 17.52
N VAL A 261 -14.16 -38.74 16.39
CA VAL A 261 -14.43 -38.02 15.15
C VAL A 261 -15.91 -38.11 14.68
N CYS A 262 -16.70 -38.84 15.46
CA CYS A 262 -18.15 -39.01 15.25
C CYS A 262 -18.94 -37.70 15.18
N SER A 263 -19.90 -37.66 14.26
CA SER A 263 -20.88 -36.56 14.11
C SER A 263 -20.26 -35.28 13.49
N GLU A 264 -20.85 -34.06 13.58
CA GLU A 264 -21.99 -33.62 14.44
C GLU A 264 -21.75 -33.71 15.98
N PRO A 265 -20.50 -33.56 16.44
CA PRO A 265 -20.10 -33.88 17.82
C PRO A 265 -20.86 -33.12 18.90
N VAL A 266 -20.99 -33.72 20.08
CA VAL A 266 -21.69 -33.09 21.18
C VAL A 266 -20.81 -33.12 22.45
N TRP A 267 -20.65 -31.95 23.07
CA TRP A 267 -19.82 -31.80 24.26
C TRP A 267 -20.63 -31.40 25.50
N LYS A 268 -21.46 -30.38 25.36
CA LYS A 268 -22.14 -29.70 26.49
C LYS A 268 -21.26 -29.62 27.74
N GLN A 269 -20.24 -28.75 27.65
CA GLN A 269 -19.19 -28.65 28.66
C GLN A 269 -18.92 -27.21 29.04
N ARG A 270 -18.92 -26.93 30.35
CA ARG A 270 -18.38 -25.68 30.86
C ARG A 270 -16.88 -25.73 30.65
N LEU A 271 -16.36 -24.63 30.09
CA LEU A 271 -14.93 -24.40 30.07
C LEU A 271 -14.69 -23.16 30.91
N GLU A 272 -14.08 -23.35 32.09
CA GLU A 272 -13.82 -22.25 33.01
C GLU A 272 -12.41 -21.71 32.86
N PHE A 273 -12.31 -20.39 32.76
CA PHE A 273 -11.04 -19.70 32.52
C PHE A 273 -10.42 -19.20 33.80
N ASP A 274 -9.08 -19.19 33.83
CA ASP A 274 -8.30 -18.76 34.99
C ASP A 274 -8.28 -17.23 35.06
N ILE A 275 -9.47 -16.63 35.10
CA ILE A 275 -9.65 -15.17 35.12
C ILE A 275 -11.07 -14.79 35.55
N SER A 276 -11.18 -13.67 36.28
CA SER A 276 -12.46 -13.10 36.71
C SER A 276 -13.15 -12.31 35.61
N VAL A 277 -14.50 -12.31 35.64
CA VAL A 277 -15.30 -11.60 34.64
C VAL A 277 -15.10 -10.07 34.69
N CYS A 278 -14.95 -9.53 35.90
CA CYS A 278 -14.74 -8.09 36.07
C CYS A 278 -13.40 -7.62 35.48
N ASP A 279 -12.49 -8.56 35.24
CA ASP A 279 -11.15 -8.24 34.75
C ASP A 279 -10.98 -8.28 33.23
N LEU A 280 -11.97 -8.82 32.52
CA LEU A 280 -11.93 -8.87 31.06
C LEU A 280 -11.80 -7.47 30.45
N PRO A 281 -10.69 -7.20 29.75
CA PRO A 281 -10.57 -5.86 29.17
C PRO A 281 -11.53 -5.63 28.01
N ARG A 282 -11.81 -4.37 27.71
CA ARG A 282 -12.82 -4.00 26.72
C ARG A 282 -12.69 -4.76 25.40
N MET A 283 -11.45 -5.00 25.00
CA MET A 283 -11.14 -5.61 23.71
C MET A 283 -10.85 -7.08 23.80
N ALA A 284 -11.40 -7.73 24.82
CA ALA A 284 -11.20 -9.15 25.04
C ALA A 284 -11.73 -9.96 23.86
N ARG A 285 -10.90 -10.92 23.45
CA ARG A 285 -11.10 -11.72 22.27
C ARG A 285 -11.06 -13.21 22.64
N LEU A 286 -12.18 -13.92 22.47
CA LEU A 286 -12.25 -15.35 22.76
C LEU A 286 -12.01 -16.15 21.50
N CYS A 287 -10.98 -17.00 21.53
CA CYS A 287 -10.48 -17.73 20.37
C CYS A 287 -10.62 -19.25 20.48
N PHE A 288 -11.07 -19.87 19.39
CA PHE A 288 -11.27 -21.33 19.34
C PHE A 288 -10.46 -21.99 18.24
N ALA A 289 -9.96 -23.19 18.53
CA ALA A 289 -9.40 -24.06 17.49
C ALA A 289 -9.89 -25.49 17.70
N LEU A 290 -10.37 -26.11 16.63
CA LEU A 290 -10.78 -27.51 16.66
C LEU A 290 -9.85 -28.36 15.79
N TYR A 291 -9.35 -29.45 16.35
CA TYR A 291 -8.39 -30.31 15.65
C TYR A 291 -8.58 -31.79 15.95
N ALA A 292 -7.74 -32.63 15.35
CA ALA A 292 -7.81 -34.08 15.54
C ALA A 292 -6.50 -34.65 16.05
N VAL A 293 -6.60 -35.77 16.76
CA VAL A 293 -5.45 -36.45 17.36
C VAL A 293 -5.81 -37.90 17.68
N VAL A 294 -4.77 -38.71 17.93
CA VAL A 294 -4.93 -40.10 18.39
C VAL A 294 -5.31 -40.14 19.88
N ASP A 311 -0.43 -33.82 14.97
CA ASP A 311 -1.63 -33.03 15.25
C ASP A 311 -2.24 -32.46 13.98
N CYS A 312 -3.55 -32.64 13.86
CA CYS A 312 -4.25 -32.41 12.60
C CYS A 312 -5.32 -31.31 12.74
N PRO A 313 -4.96 -30.06 12.37
CA PRO A 313 -5.83 -28.90 12.50
C PRO A 313 -6.97 -28.92 11.50
N ILE A 314 -8.15 -28.54 11.97
CA ILE A 314 -9.33 -28.56 11.12
C ILE A 314 -9.84 -27.14 10.87
N ALA A 315 -9.97 -26.35 11.94
CA ALA A 315 -10.63 -25.06 11.84
C ALA A 315 -10.39 -24.20 13.06
N TRP A 316 -10.69 -22.92 12.91
CA TRP A 316 -10.56 -21.93 14.00
C TRP A 316 -11.68 -20.90 13.92
N ALA A 317 -11.91 -20.20 15.02
CA ALA A 317 -12.97 -19.20 15.08
C ALA A 317 -12.72 -18.29 16.26
N ASN A 318 -12.92 -17.00 16.05
CA ASN A 318 -12.74 -16.00 17.10
C ASN A 318 -13.99 -15.12 17.28
N LEU A 319 -14.20 -14.62 18.49
CA LEU A 319 -15.17 -13.54 18.71
C LEU A 319 -14.78 -12.60 19.84
N MET A 320 -15.24 -11.36 19.73
CA MET A 320 -15.14 -10.39 20.80
C MET A 320 -16.14 -10.75 21.87
N LEU A 321 -15.77 -10.54 23.13
CA LEU A 321 -16.66 -10.86 24.25
C LEU A 321 -17.70 -9.77 24.47
N PHE A 322 -17.38 -8.56 24.04
CA PHE A 322 -18.33 -7.46 24.09
C PHE A 322 -18.73 -7.13 22.67
N ASP A 323 -20.00 -6.81 22.47
CA ASP A 323 -20.44 -6.37 21.14
C ASP A 323 -20.00 -4.93 20.88
N TYR A 324 -20.42 -4.36 19.76
CA TYR A 324 -19.98 -3.02 19.36
C TYR A 324 -20.61 -1.90 20.21
N LYS A 325 -21.54 -2.27 21.08
CA LYS A 325 -22.20 -1.32 21.97
C LYS A 325 -21.73 -1.46 23.41
N ASP A 326 -20.57 -2.12 23.56
CA ASP A 326 -19.89 -2.30 24.85
C ASP A 326 -20.63 -3.22 25.82
N GLN A 327 -21.58 -4.00 25.31
CA GLN A 327 -22.37 -4.90 26.14
C GLN A 327 -21.82 -6.33 26.06
N LEU A 328 -21.66 -6.96 27.22
CA LEU A 328 -21.14 -8.34 27.28
C LEU A 328 -22.14 -9.30 26.67
N LYS A 329 -21.62 -10.32 26.00
CA LYS A 329 -22.43 -11.21 25.17
C LYS A 329 -23.04 -12.37 25.93
N THR A 330 -24.28 -12.70 25.56
CA THR A 330 -25.03 -13.86 26.02
C THR A 330 -26.14 -14.08 24.97
N GLY A 331 -26.68 -15.29 24.85
CA GLY A 331 -26.25 -16.50 25.55
C GLY A 331 -25.59 -17.44 24.57
N GLU A 332 -26.41 -18.06 23.72
CA GLU A 332 -25.92 -18.98 22.70
C GLU A 332 -25.42 -18.28 21.43
N ARG A 333 -24.29 -18.73 20.93
CA ARG A 333 -23.83 -18.33 19.61
C ARG A 333 -23.50 -19.51 18.73
N CYS A 334 -23.66 -19.32 17.42
CA CYS A 334 -23.28 -20.31 16.44
C CYS A 334 -22.10 -19.78 15.63
N LEU A 335 -20.97 -20.48 15.69
CA LEU A 335 -19.71 -19.99 15.15
C LEU A 335 -19.26 -20.73 13.90
N TYR A 336 -19.46 -20.11 12.74
CA TYR A 336 -19.06 -20.71 11.47
C TYR A 336 -17.55 -20.56 11.26
N MET A 337 -16.88 -21.71 11.21
CA MET A 337 -15.44 -21.78 11.37
C MET A 337 -14.67 -21.68 10.05
N TRP A 338 -13.44 -21.22 10.15
CA TRP A 338 -12.54 -21.08 9.02
C TRP A 338 -11.56 -22.26 8.95
N PRO A 339 -11.36 -22.81 7.74
CA PRO A 339 -10.47 -23.98 7.55
C PRO A 339 -9.02 -23.61 7.83
N SER A 340 -8.23 -24.55 8.34
CA SER A 340 -6.90 -24.26 8.90
C SER A 340 -5.70 -24.41 7.94
N VAL A 341 -4.53 -23.96 8.40
CA VAL A 341 -3.26 -23.94 7.62
C VAL A 341 -2.90 -25.30 7.00
N LEU A 348 -2.47 -24.08 16.43
CA LEU A 348 -3.92 -24.23 16.40
C LEU A 348 -4.63 -22.88 16.60
N LEU A 349 -4.31 -22.17 17.68
CA LEU A 349 -4.99 -20.92 18.07
C LEU A 349 -4.55 -19.66 17.32
N ASN A 350 -5.52 -18.94 16.75
CA ASN A 350 -5.27 -17.85 15.81
C ASN A 350 -5.80 -16.46 16.25
N PRO A 351 -5.18 -15.84 17.27
CA PRO A 351 -5.76 -14.60 17.81
C PRO A 351 -5.88 -13.47 16.78
N ALA A 352 -4.94 -13.39 15.84
CA ALA A 352 -4.96 -12.32 14.86
C ALA A 352 -5.99 -12.54 13.73
N GLY A 353 -6.63 -13.71 13.68
CA GLY A 353 -7.69 -13.95 12.69
C GLY A 353 -8.93 -13.11 12.98
N THR A 354 -9.71 -12.81 11.92
CA THR A 354 -10.93 -12.00 12.03
C THR A 354 -11.90 -12.46 13.12
N VAL A 355 -12.74 -11.55 13.57
CA VAL A 355 -13.72 -11.87 14.63
C VAL A 355 -15.13 -12.02 14.10
N ARG A 356 -15.23 -12.25 12.79
CA ARG A 356 -16.51 -12.47 12.16
C ARG A 356 -16.49 -13.86 11.57
N GLY A 357 -17.62 -14.55 11.65
CA GLY A 357 -17.74 -15.94 11.20
C GLY A 357 -17.56 -16.12 9.70
N ASN A 358 -17.22 -17.35 9.31
CA ASN A 358 -17.14 -17.76 7.91
C ASN A 358 -18.51 -17.58 7.21
N PRO A 359 -18.56 -16.71 6.18
CA PRO A 359 -19.78 -16.45 5.39
C PRO A 359 -20.34 -17.66 4.63
N ASN A 360 -19.49 -18.65 4.34
CA ASN A 360 -19.93 -19.87 3.67
C ASN A 360 -20.54 -20.79 4.70
N THR A 361 -21.80 -20.50 5.01
CA THR A 361 -22.51 -21.21 6.07
C THR A 361 -22.92 -22.63 5.65
N GLU A 362 -23.10 -22.85 4.35
CA GLU A 362 -23.40 -24.19 3.81
C GLU A 362 -22.29 -25.22 4.11
N SER A 363 -21.04 -24.83 3.87
CA SER A 363 -19.91 -25.75 3.94
C SER A 363 -19.15 -25.69 5.28
N ALA A 364 -19.15 -24.51 5.91
CA ALA A 364 -18.36 -24.29 7.13
C ALA A 364 -18.78 -25.18 8.30
N ALA A 365 -17.77 -25.76 8.92
CA ALA A 365 -17.90 -26.37 10.23
C ALA A 365 -18.44 -25.32 11.20
N ALA A 366 -19.29 -25.75 12.14
CA ALA A 366 -19.97 -24.81 13.04
C ALA A 366 -19.94 -25.25 14.49
N LEU A 367 -19.28 -24.43 15.32
CA LEU A 367 -19.31 -24.65 16.76
C LEU A 367 -20.46 -23.84 17.34
N VAL A 368 -21.21 -24.45 18.25
CA VAL A 368 -22.20 -23.70 19.02
C VAL A 368 -21.75 -23.67 20.46
N ILE A 369 -21.71 -22.46 21.00
CA ILE A 369 -21.28 -22.26 22.37
C ILE A 369 -22.38 -21.54 23.12
N TYR A 370 -22.17 -21.34 24.42
CA TYR A 370 -23.11 -20.56 25.22
C TYR A 370 -22.37 -19.64 26.17
N LEU A 371 -22.57 -18.33 25.97
CA LEU A 371 -22.07 -17.32 26.88
C LEU A 371 -23.12 -17.12 27.97
N PRO A 372 -22.73 -17.33 29.24
CA PRO A 372 -23.71 -17.40 30.32
C PRO A 372 -24.11 -16.03 30.85
N GLU A 373 -25.41 -15.87 31.13
CA GLU A 373 -25.93 -14.63 31.69
C GLU A 373 -25.43 -14.36 33.09
N VAL A 374 -24.60 -13.32 33.20
CA VAL A 374 -23.94 -12.92 34.44
C VAL A 374 -24.81 -12.02 35.33
N ALA A 375 -26.11 -11.94 35.02
CA ALA A 375 -27.08 -11.18 35.83
C ALA A 375 -28.52 -11.40 35.35
N PRO A 378 -28.84 -6.56 31.33
CA PRO A 378 -27.77 -6.12 30.44
C PRO A 378 -26.64 -5.46 31.20
N VAL A 379 -25.41 -5.84 30.87
CA VAL A 379 -24.22 -5.27 31.49
C VAL A 379 -23.29 -4.65 30.43
N TYR A 380 -22.81 -3.45 30.72
CA TYR A 380 -21.95 -2.71 29.80
C TYR A 380 -20.55 -2.48 30.34
N PHE A 381 -19.63 -2.13 29.45
CA PHE A 381 -18.31 -1.71 29.90
C PHE A 381 -18.40 -0.30 30.48
N PRO A 382 -17.77 -0.09 31.65
CA PRO A 382 -17.85 1.22 32.30
C PRO A 382 -17.35 2.35 31.40
N ALA A 383 -17.95 3.52 31.57
CA ALA A 383 -17.57 4.72 30.80
C ALA A 383 -16.18 5.18 31.20
N LEU A 384 -15.51 5.87 30.28
CA LEU A 384 -14.21 6.47 30.57
C LEU A 384 -14.26 7.30 31.85
N GLU A 385 -15.41 7.93 32.11
CA GLU A 385 -15.62 8.73 33.31
C GLU A 385 -15.45 7.89 34.57
N LYS A 386 -15.85 6.62 34.48
CA LYS A 386 -15.70 5.68 35.58
C LYS A 386 -14.29 5.12 35.61
N ILE A 387 -13.67 4.96 34.43
CA ILE A 387 -12.29 4.50 34.32
C ILE A 387 -11.30 5.50 34.95
N LEU A 388 -11.46 6.78 34.62
CA LEU A 388 -10.57 7.86 35.09
C LEU A 388 -10.67 8.05 36.61
N GLU A 389 -11.89 7.82 37.12
CA GLU A 389 -12.12 7.77 38.56
C GLU A 389 -11.23 6.72 39.21
N LEU A 390 -11.27 5.48 38.68
CA LEU A 390 -10.53 4.37 39.25
C LEU A 390 -9.02 4.51 39.06
N LEU A 407 18.73 3.09 36.17
CA LEU A 407 18.70 1.88 35.35
C LEU A 407 17.44 1.83 34.48
N ARG A 408 16.58 2.81 34.65
CA ARG A 408 15.35 2.94 33.88
C ARG A 408 15.66 3.38 32.46
N GLU A 409 16.52 4.38 32.35
CA GLU A 409 17.02 4.84 31.05
C GLU A 409 17.89 3.77 30.41
N ILE A 410 18.67 3.07 31.24
CA ILE A 410 19.72 2.15 30.77
C ILE A 410 19.19 0.98 29.94
N LEU A 411 17.95 0.57 30.21
CA LEU A 411 17.34 -0.55 29.50
C LEU A 411 16.47 -0.04 28.36
N GLU A 412 16.02 1.20 28.48
CA GLU A 412 14.97 1.73 27.61
C GLU A 412 15.51 2.21 26.26
N ARG A 413 15.99 1.26 25.45
CA ARG A 413 16.43 1.52 24.09
C ARG A 413 16.48 0.24 23.26
N GLU A 418 12.38 -6.36 24.44
CA GLU A 418 12.23 -7.57 25.26
C GLU A 418 12.94 -7.41 26.60
N LEU A 419 12.21 -7.60 27.68
CA LEU A 419 12.69 -7.23 29.02
C LEU A 419 12.24 -8.17 30.13
N TYR A 420 13.16 -8.50 31.04
CA TYR A 420 12.92 -9.47 32.10
C TYR A 420 11.85 -9.02 33.09
N GLU A 421 11.25 -9.99 33.78
CA GLU A 421 10.12 -9.73 34.66
C GLU A 421 10.37 -8.57 35.62
N HIS A 422 11.57 -8.51 36.20
CA HIS A 422 11.91 -7.41 37.11
C HIS A 422 12.01 -6.08 36.37
N GLU A 423 12.62 -6.09 35.18
CA GLU A 423 12.73 -4.89 34.37
C GLU A 423 11.35 -4.34 34.04
N LYS A 424 10.43 -5.25 33.69
CA LYS A 424 9.02 -4.92 33.47
C LYS A 424 8.41 -4.22 34.69
N ASP A 425 8.80 -4.69 35.88
CA ASP A 425 8.32 -4.15 37.15
C ASP A 425 8.72 -2.70 37.40
N LEU A 426 9.96 -2.34 37.04
CA LEU A 426 10.48 -0.98 37.23
C LEU A 426 9.76 -0.02 36.30
N VAL A 427 9.45 -0.49 35.11
CA VAL A 427 8.73 0.27 34.09
C VAL A 427 7.33 0.63 34.56
N TRP A 428 6.58 -0.36 35.04
CA TRP A 428 5.22 -0.11 35.52
C TRP A 428 5.21 0.85 36.70
N LYS A 429 6.12 0.63 37.65
CA LYS A 429 6.28 1.48 38.83
C LYS A 429 6.53 2.94 38.43
N MET A 430 7.37 3.14 37.43
CA MET A 430 7.76 4.47 36.99
C MET A 430 6.95 4.96 35.79
N ARG A 431 5.65 4.64 35.78
CA ARG A 431 4.79 4.97 34.63
C ARG A 431 4.55 6.48 34.46
N HIS A 432 4.41 7.20 35.58
CA HIS A 432 4.24 8.65 35.53
C HIS A 432 5.49 9.31 35.00
N GLU A 433 6.64 8.82 35.47
CA GLU A 433 7.93 9.34 35.04
C GLU A 433 8.18 9.04 33.56
N VAL A 434 7.59 7.94 33.08
CA VAL A 434 7.60 7.59 31.65
C VAL A 434 6.72 8.57 30.88
N GLN A 435 5.51 8.80 31.37
CA GLN A 435 4.63 9.83 30.79
C GLN A 435 5.30 11.21 30.83
N GLU A 436 5.94 11.54 31.95
CA GLU A 436 6.53 12.86 32.13
C GLU A 436 7.82 13.11 31.35
N HIS A 437 8.70 12.11 31.29
CA HIS A 437 10.04 12.33 30.73
C HIS A 437 10.39 11.47 29.51
N PHE A 438 9.60 10.44 29.24
CA PHE A 438 9.84 9.55 28.10
C PHE A 438 8.54 9.21 27.41
N PRO A 439 7.72 10.22 27.06
CA PRO A 439 6.41 9.90 26.52
C PRO A 439 6.48 9.05 25.24
N GLU A 440 7.67 8.96 24.64
CA GLU A 440 7.86 8.18 23.43
C GLU A 440 8.03 6.68 23.69
N ALA A 441 8.16 6.31 24.95
CA ALA A 441 8.28 4.91 25.33
C ALA A 441 6.92 4.32 25.70
N LEU A 442 5.86 5.04 25.35
CA LEU A 442 4.46 4.61 25.59
C LEU A 442 4.20 3.15 25.26
N ALA A 443 4.73 2.68 24.14
CA ALA A 443 4.49 1.31 23.70
C ALA A 443 5.11 0.28 24.64
N ARG A 444 6.33 0.54 25.11
CA ARG A 444 7.01 -0.39 26.02
C ARG A 444 6.25 -0.51 27.32
N LEU A 445 5.62 0.60 27.73
CA LEU A 445 4.82 0.64 28.95
C LEU A 445 3.53 -0.12 28.75
N LEU A 446 2.92 0.09 27.58
CA LEU A 446 1.66 -0.58 27.23
C LEU A 446 1.78 -2.09 27.18
N LEU A 447 2.93 -2.58 26.70
CA LEU A 447 3.25 -4.00 26.69
C LEU A 447 3.45 -4.58 28.08
N VAL A 448 4.04 -3.79 28.99
CA VAL A 448 4.23 -4.27 30.37
C VAL A 448 2.97 -4.23 31.24
N THR A 449 1.96 -3.44 30.87
CA THR A 449 0.73 -3.38 31.68
C THR A 449 -0.04 -4.68 31.62
N LYS A 450 -0.59 -5.05 32.77
CA LYS A 450 -1.32 -6.29 32.94
C LYS A 450 -2.75 -6.11 32.46
N TRP A 451 -2.99 -6.52 31.22
CA TRP A 451 -4.28 -6.32 30.58
C TRP A 451 -5.35 -7.21 31.16
N ASN A 452 -4.96 -8.16 32.00
CA ASN A 452 -5.91 -9.04 32.69
C ASN A 452 -6.17 -8.64 34.14
N LYS A 453 -5.96 -7.37 34.43
CA LYS A 453 -6.25 -6.84 35.76
C LYS A 453 -6.95 -5.51 35.54
N HIS A 454 -8.25 -5.46 35.81
CA HIS A 454 -9.03 -4.28 35.46
C HIS A 454 -8.49 -3.00 36.14
N GLU A 455 -8.03 -3.13 37.38
CA GLU A 455 -7.42 -2.02 38.12
C GLU A 455 -6.25 -1.39 37.36
N ASP A 456 -5.32 -2.24 36.92
CA ASP A 456 -4.09 -1.77 36.25
C ASP A 456 -4.39 -1.09 34.92
N VAL A 457 -5.40 -1.61 34.21
CA VAL A 457 -5.88 -1.06 32.96
C VAL A 457 -6.53 0.32 33.17
N ALA A 458 -7.28 0.48 34.24
CA ALA A 458 -7.81 1.80 34.63
C ALA A 458 -6.68 2.83 34.78
N GLN A 459 -5.64 2.48 35.55
CA GLN A 459 -4.50 3.37 35.76
C GLN A 459 -3.75 3.65 34.48
N MET A 460 -3.58 2.62 33.65
CA MET A 460 -2.88 2.79 32.37
C MET A 460 -3.62 3.75 31.45
N LEU A 461 -4.91 3.52 31.26
CA LEU A 461 -5.75 4.45 30.51
C LEU A 461 -5.69 5.89 31.08
N TYR A 462 -5.81 6.04 32.40
CA TYR A 462 -5.74 7.38 33.04
C TYR A 462 -4.53 8.19 32.61
N LEU A 463 -3.36 7.56 32.55
CA LEU A 463 -2.16 8.18 32.01
C LEU A 463 -2.30 8.47 30.53
N LEU A 464 -2.93 7.55 29.80
CA LEU A 464 -3.07 7.68 28.34
C LEU A 464 -3.92 8.88 27.91
N CYS A 465 -4.85 9.27 28.77
CA CYS A 465 -5.72 10.43 28.54
C CYS A 465 -5.00 11.78 28.57
N SER A 466 -3.93 11.87 29.34
CA SER A 466 -3.17 13.11 29.46
C SER A 466 -1.86 13.03 28.67
N TRP A 467 -1.65 11.91 28.00
CA TRP A 467 -0.40 11.65 27.31
C TRP A 467 -0.20 12.63 26.16
N PRO A 468 1.01 13.20 26.02
CA PRO A 468 1.23 14.09 24.89
C PRO A 468 1.22 13.32 23.58
N GLU A 469 0.70 13.95 22.53
CA GLU A 469 0.75 13.39 21.18
C GLU A 469 2.16 12.97 20.79
N LEU A 470 2.25 11.90 20.01
CA LEU A 470 3.54 11.31 19.66
C LEU A 470 3.85 11.58 18.19
N PRO A 471 5.15 11.50 17.82
CA PRO A 471 5.48 11.57 16.39
C PRO A 471 4.83 10.44 15.59
N VAL A 472 4.67 10.68 14.29
CA VAL A 472 4.01 9.76 13.39
C VAL A 472 4.62 8.35 13.48
N LEU A 473 5.95 8.31 13.51
CA LEU A 473 6.72 7.07 13.62
C LEU A 473 6.22 6.20 14.77
N SER A 474 6.03 6.84 15.92
CA SER A 474 5.53 6.20 17.13
C SER A 474 4.08 5.77 16.95
N ALA A 475 3.24 6.66 16.41
CA ALA A 475 1.86 6.30 16.06
C ALA A 475 1.76 5.05 15.17
N LEU A 476 2.65 4.92 14.19
CA LEU A 476 2.65 3.77 13.30
C LEU A 476 2.92 2.46 14.05
N GLU A 477 3.67 2.58 15.15
CA GLU A 477 3.94 1.43 16.02
C GLU A 477 2.70 1.02 16.83
N LEU A 478 1.96 2.01 17.33
CA LEU A 478 0.79 1.77 18.16
C LEU A 478 -0.37 1.12 17.40
N LEU A 479 -0.27 1.10 16.08
CA LEU A 479 -1.29 0.47 15.23
C LEU A 479 -1.06 -1.01 15.04
N ASP A 480 0.07 -1.51 15.53
CA ASP A 480 0.40 -2.93 15.50
C ASP A 480 -0.66 -3.71 16.29
N PHE A 481 -0.84 -4.98 15.94
CA PHE A 481 -1.88 -5.81 16.57
C PHE A 481 -1.69 -6.04 18.09
N SER A 482 -0.47 -5.81 18.58
CA SER A 482 -0.18 -5.83 20.02
C SER A 482 -0.96 -4.76 20.78
N PHE A 483 -1.50 -3.78 20.08
CA PHE A 483 -2.25 -2.71 20.74
C PHE A 483 -3.68 -2.69 20.28
N PRO A 484 -4.51 -3.60 20.83
CA PRO A 484 -5.89 -3.73 20.38
C PRO A 484 -6.84 -2.77 21.08
N ASP A 485 -6.39 -2.15 22.18
CA ASP A 485 -7.22 -1.27 22.97
C ASP A 485 -7.59 -0.01 22.20
N CYS A 486 -8.89 0.28 22.12
CA CYS A 486 -9.38 1.35 21.24
C CYS A 486 -9.13 2.76 21.77
N TYR A 487 -8.69 2.87 23.01
CA TYR A 487 -8.24 4.16 23.53
C TYR A 487 -6.82 4.42 23.06
N VAL A 488 -6.05 3.34 22.97
CA VAL A 488 -4.71 3.37 22.38
C VAL A 488 -4.85 3.64 20.87
N GLY A 489 -5.79 2.94 20.22
CA GLY A 489 -6.07 3.13 18.80
C GLY A 489 -6.51 4.55 18.54
N SER A 490 -7.54 4.97 19.27
CA SER A 490 -7.97 6.37 19.25
C SER A 490 -6.79 7.35 19.42
N PHE A 491 -5.89 7.07 20.37
CA PHE A 491 -4.69 7.89 20.59
C PHE A 491 -3.77 7.90 19.38
N ALA A 492 -3.59 6.74 18.76
CA ALA A 492 -2.69 6.59 17.63
C ALA A 492 -3.21 7.36 16.42
N ILE A 493 -4.50 7.22 16.11
CA ILE A 493 -5.13 8.00 15.04
C ILE A 493 -4.97 9.48 15.33
N LYS A 494 -5.25 9.87 16.57
CA LYS A 494 -5.07 11.26 16.99
C LYS A 494 -3.66 11.72 16.68
N SER A 495 -2.66 10.93 17.08
CA SER A 495 -1.26 11.24 16.78
C SER A 495 -0.93 11.16 15.30
N LEU A 496 -1.76 10.44 14.53
CA LEU A 496 -1.57 10.32 13.09
C LEU A 496 -2.19 11.43 12.26
N ARG A 497 -3.22 12.08 12.80
CA ARG A 497 -3.97 13.09 12.04
C ARG A 497 -3.07 14.15 11.41
N LYS A 498 -1.88 14.35 11.97
CA LYS A 498 -0.94 15.36 11.48
C LYS A 498 -0.14 14.89 10.26
N LEU A 499 -0.35 13.65 9.83
CA LEU A 499 0.20 13.17 8.55
C LEU A 499 -0.16 14.14 7.45
N THR A 500 0.79 14.39 6.55
CA THR A 500 0.55 15.12 5.33
C THR A 500 -0.12 14.15 4.36
N ASP A 501 -0.79 14.65 3.34
CA ASP A 501 -1.37 13.79 2.32
C ASP A 501 -0.29 12.92 1.63
N ASP A 502 0.87 13.51 1.33
CA ASP A 502 1.98 12.76 0.75
C ASP A 502 2.46 11.63 1.67
N GLU A 503 2.58 11.92 2.95
CA GLU A 503 2.93 10.91 3.93
C GLU A 503 1.86 9.84 4.05
N LEU A 504 0.62 10.28 4.21
CA LEU A 504 -0.51 9.38 4.27
C LEU A 504 -0.53 8.50 3.02
N PHE A 505 -0.34 9.10 1.85
CA PHE A 505 -0.24 8.30 0.65
C PHE A 505 0.85 7.23 0.76
N GLN A 506 2.02 7.66 1.25
CA GLN A 506 3.18 6.78 1.37
C GLN A 506 2.89 5.52 2.21
N TYR A 507 1.99 5.64 3.19
CA TYR A 507 1.67 4.56 4.13
C TYR A 507 0.28 3.97 3.91
N LEU A 508 -0.46 4.45 2.91
CA LEU A 508 -1.86 4.03 2.67
C LEU A 508 -2.05 2.51 2.66
N LEU A 509 -1.17 1.82 1.95
CA LEU A 509 -1.21 0.37 1.84
C LEU A 509 -1.25 -0.29 3.21
N GLN A 510 -0.42 0.18 4.14
CA GLN A 510 -0.32 -0.44 5.44
C GLN A 510 -1.55 -0.16 6.31
N LEU A 511 -2.04 1.07 6.27
CA LEU A 511 -3.23 1.44 7.00
C LEU A 511 -4.45 0.62 6.56
N VAL A 512 -4.54 0.31 5.27
CA VAL A 512 -5.59 -0.54 4.76
C VAL A 512 -5.48 -1.92 5.40
N GLN A 513 -4.27 -2.48 5.47
CA GLN A 513 -4.08 -3.82 6.04
C GLN A 513 -4.48 -3.83 7.49
N VAL A 514 -4.16 -2.76 8.21
CA VAL A 514 -4.53 -2.60 9.62
C VAL A 514 -6.04 -2.67 9.84
N LEU A 515 -6.82 -2.30 8.81
CA LEU A 515 -8.28 -2.47 8.84
C LEU A 515 -8.69 -3.90 9.11
N LYS A 516 -7.91 -4.85 8.60
CA LYS A 516 -8.19 -6.28 8.81
C LYS A 516 -8.05 -6.72 10.26
N TYR A 517 -7.34 -5.93 11.08
CA TYR A 517 -7.11 -6.21 12.50
C TYR A 517 -8.25 -5.73 13.40
N GLU A 518 -9.14 -4.89 12.85
CA GLU A 518 -10.13 -4.16 13.65
C GLU A 518 -11.18 -5.11 14.21
N SER A 519 -11.54 -4.90 15.46
CA SER A 519 -12.49 -5.76 16.14
C SER A 519 -13.95 -5.48 15.73
N TYR A 520 -14.21 -4.27 15.25
CA TYR A 520 -15.57 -3.85 14.87
C TYR A 520 -15.58 -3.10 13.55
N LEU A 521 -16.76 -2.92 12.98
CA LEU A 521 -16.89 -2.24 11.68
C LEU A 521 -16.65 -0.73 11.82
N ASP A 522 -17.38 -0.08 12.73
CA ASP A 522 -17.23 1.34 13.00
C ASP A 522 -16.05 1.56 13.95
N CYS A 523 -15.02 2.21 13.44
CA CYS A 523 -13.81 2.42 14.20
C CYS A 523 -13.10 3.67 13.68
N GLU A 524 -12.21 4.21 14.50
CA GLU A 524 -11.56 5.47 14.22
C GLU A 524 -10.71 5.46 12.96
N LEU A 525 -10.00 4.36 12.71
CA LEU A 525 -9.20 4.25 11.50
C LEU A 525 -10.05 4.33 10.23
N THR A 526 -11.27 3.81 10.29
CA THR A 526 -12.14 3.80 9.12
C THR A 526 -12.59 5.22 8.84
N LYS A 527 -13.05 5.92 9.88
CA LYS A 527 -13.51 7.30 9.75
C LYS A 527 -12.37 8.19 9.27
N PHE A 528 -11.18 7.95 9.79
CA PHE A 528 -10.02 8.73 9.40
C PHE A 528 -9.68 8.53 7.92
N LEU A 529 -9.54 7.28 7.49
CA LEU A 529 -9.21 6.98 6.10
C LEU A 529 -10.25 7.52 5.12
N LEU A 530 -11.53 7.34 5.44
CA LEU A 530 -12.64 7.85 4.63
C LEU A 530 -12.69 9.39 4.57
N GLY A 531 -12.47 10.05 5.71
CA GLY A 531 -12.36 11.51 5.74
C GLY A 531 -11.21 12.08 4.92
N ARG A 532 -10.05 11.44 4.99
CA ARG A 532 -8.90 11.94 4.23
C ARG A 532 -9.05 11.59 2.76
N ALA A 533 -9.69 10.45 2.48
CA ALA A 533 -9.98 10.02 1.10
C ALA A 533 -10.97 10.94 0.40
N LEU A 534 -11.88 11.53 1.18
CA LEU A 534 -12.88 12.43 0.62
C LEU A 534 -12.35 13.86 0.51
N ALA A 535 -11.32 14.16 1.28
CA ALA A 535 -10.66 15.44 1.24
C ALA A 535 -9.55 15.48 0.15
N ASN A 536 -9.11 14.31 -0.33
CA ASN A 536 -8.09 14.22 -1.39
C ASN A 536 -8.42 13.11 -2.41
N ARG A 537 -8.66 13.50 -3.67
CA ARG A 537 -9.15 12.53 -4.67
C ARG A 537 -8.15 11.42 -4.99
N LYS A 538 -6.86 11.76 -5.01
CA LYS A 538 -5.79 10.77 -5.15
C LYS A 538 -5.85 9.72 -4.01
N ILE A 539 -5.89 10.16 -2.75
CA ILE A 539 -6.10 9.23 -1.64
C ILE A 539 -7.35 8.37 -1.87
N GLY A 540 -8.44 9.02 -2.27
CA GLY A 540 -9.70 8.33 -2.56
C GLY A 540 -9.50 7.28 -3.63
N HIS A 541 -8.78 7.63 -4.68
CA HIS A 541 -8.51 6.73 -5.78
C HIS A 541 -7.87 5.44 -5.29
N PHE A 542 -6.77 5.56 -4.55
CA PHE A 542 -6.04 4.39 -4.09
C PHE A 542 -6.73 3.68 -2.92
N LEU A 543 -7.37 4.42 -2.02
CA LEU A 543 -8.13 3.71 -1.01
C LEU A 543 -9.10 2.73 -1.72
N PHE A 544 -9.79 3.23 -2.75
CA PHE A 544 -10.78 2.43 -3.44
C PHE A 544 -10.14 1.17 -4.01
N TRP A 545 -9.03 1.32 -4.73
CA TRP A 545 -8.40 0.17 -5.36
C TRP A 545 -7.84 -0.85 -4.37
N HIS A 546 -7.26 -0.38 -3.27
CA HIS A 546 -6.77 -1.28 -2.23
C HIS A 546 -7.87 -2.11 -1.66
N LEU A 547 -9.06 -1.50 -1.53
CA LEU A 547 -10.23 -2.21 -1.06
C LEU A 547 -10.83 -3.10 -2.16
N ARG A 548 -11.00 -2.56 -3.36
CA ARG A 548 -11.65 -3.30 -4.43
C ARG A 548 -10.88 -4.58 -4.79
N SER A 549 -9.55 -4.51 -4.72
CA SER A 549 -8.66 -5.59 -5.11
C SER A 549 -8.74 -6.77 -4.13
N GLU A 550 -9.41 -6.58 -3.00
CA GLU A 550 -9.53 -7.66 -2.03
C GLU A 550 -10.95 -8.21 -1.88
N MET A 551 -11.87 -7.84 -2.78
CA MET A 551 -13.31 -8.23 -2.62
C MET A 551 -13.56 -9.73 -2.75
N HIS A 552 -12.60 -10.43 -3.33
CA HIS A 552 -12.66 -11.86 -3.52
C HIS A 552 -12.20 -12.61 -2.28
N VAL A 553 -11.81 -11.89 -1.24
CA VAL A 553 -11.33 -12.54 0.00
C VAL A 553 -12.45 -12.53 1.05
N PRO A 554 -13.16 -13.65 1.23
CA PRO A 554 -14.35 -13.65 2.10
C PRO A 554 -14.16 -13.06 3.49
N SER A 555 -12.96 -13.16 4.06
CA SER A 555 -12.75 -12.65 5.41
C SER A 555 -12.80 -11.11 5.46
N VAL A 556 -12.65 -10.46 4.31
CA VAL A 556 -12.69 -8.99 4.26
C VAL A 556 -13.77 -8.37 3.38
N ALA A 557 -14.57 -9.18 2.69
CA ALA A 557 -15.51 -8.64 1.72
C ALA A 557 -16.56 -7.71 2.35
N LEU A 558 -17.14 -8.11 3.47
CA LEU A 558 -18.12 -7.26 4.12
C LEU A 558 -17.54 -5.91 4.58
N ARG A 559 -16.44 -5.96 5.33
CA ARG A 559 -15.82 -4.73 5.75
C ARG A 559 -15.48 -3.84 4.55
N PHE A 560 -14.66 -4.35 3.64
CA PHE A 560 -14.19 -3.56 2.50
C PHE A 560 -15.35 -3.09 1.63
N GLY A 561 -16.37 -3.91 1.51
CA GLY A 561 -17.58 -3.57 0.74
C GLY A 561 -18.27 -2.36 1.31
N LEU A 562 -18.51 -2.39 2.61
CA LEU A 562 -19.16 -1.28 3.32
C LEU A 562 -18.41 0.05 3.21
N ILE A 563 -17.08 -0.01 3.34
CA ILE A 563 -16.27 1.19 3.19
C ILE A 563 -16.39 1.79 1.77
N MET A 564 -16.31 0.95 0.73
CA MET A 564 -16.42 1.48 -0.63
C MET A 564 -17.78 2.12 -0.86
N GLU A 565 -18.85 1.49 -0.33
CA GLU A 565 -20.17 2.06 -0.40
C GLU A 565 -20.16 3.48 0.17
N ALA A 566 -19.79 3.59 1.45
CA ALA A 566 -19.68 4.87 2.14
C ALA A 566 -18.95 5.92 1.30
N TYR A 567 -17.75 5.59 0.82
CA TYR A 567 -17.01 6.46 -0.10
C TYR A 567 -17.92 6.94 -1.24
N CYS A 568 -18.48 5.99 -2.01
CA CYS A 568 -19.36 6.32 -3.13
C CYS A 568 -20.42 7.34 -2.74
N ARG A 569 -21.02 7.17 -1.56
CA ARG A 569 -22.05 8.10 -1.09
C ARG A 569 -21.48 9.52 -0.98
N GLY A 570 -20.18 9.60 -0.74
CA GLY A 570 -19.50 10.87 -0.57
C GLY A 570 -18.95 11.47 -1.86
N SER A 571 -18.80 10.67 -2.90
CA SER A 571 -18.47 11.22 -4.22
C SER A 571 -19.10 10.45 -5.38
N THR A 572 -20.27 10.90 -5.80
CA THR A 572 -21.00 10.31 -6.92
C THR A 572 -20.20 10.39 -8.20
N HIS A 573 -19.70 11.59 -8.50
CA HIS A 573 -18.90 11.79 -9.69
C HIS A 573 -17.73 10.80 -9.75
N HIS A 574 -16.95 10.72 -8.67
CA HIS A 574 -15.79 9.83 -8.69
C HIS A 574 -16.20 8.36 -8.82
N MET A 575 -17.38 8.01 -8.28
CA MET A 575 -17.91 6.67 -8.48
C MET A 575 -18.04 6.34 -9.98
N LYS A 576 -18.57 7.29 -10.74
CA LYS A 576 -18.71 7.12 -12.19
C LYS A 576 -17.35 7.01 -12.89
N VAL A 577 -16.36 7.72 -12.37
CA VAL A 577 -15.02 7.71 -12.95
C VAL A 577 -14.37 6.35 -12.71
N LEU A 578 -14.60 5.79 -11.52
CA LEU A 578 -14.10 4.45 -11.17
C LEU A 578 -14.78 3.29 -11.95
N MET A 579 -16.08 3.42 -12.23
CA MET A 579 -16.83 2.44 -13.01
C MET A 579 -16.20 2.32 -14.39
N LYS A 580 -15.97 3.46 -15.02
CA LYS A 580 -15.23 3.51 -16.26
C LYS A 580 -13.92 2.69 -16.17
N GLN A 581 -13.13 2.91 -15.11
CA GLN A 581 -11.94 2.08 -14.88
C GLN A 581 -12.24 0.58 -14.75
N GLY A 582 -13.26 0.25 -13.96
CA GLY A 582 -13.70 -1.14 -13.77
C GLY A 582 -14.23 -1.77 -15.05
N GLU A 583 -14.89 -0.97 -15.89
CA GLU A 583 -15.32 -1.45 -17.20
C GLU A 583 -14.12 -1.75 -18.10
N ALA A 584 -13.09 -0.90 -18.06
CA ALA A 584 -11.88 -1.17 -18.84
C ALA A 584 -11.20 -2.47 -18.38
N LEU A 585 -11.10 -2.62 -17.06
CA LEU A 585 -10.47 -3.82 -16.47
C LEU A 585 -11.18 -5.10 -16.81
N SER A 586 -12.51 -5.02 -16.84
CA SER A 586 -13.36 -6.15 -17.18
C SER A 586 -13.13 -6.60 -18.64
N LYS A 587 -12.98 -5.63 -19.54
CA LYS A 587 -12.66 -5.92 -20.93
C LYS A 587 -11.29 -6.57 -21.14
N LEU A 588 -10.29 -6.01 -20.48
CA LEU A 588 -8.95 -6.55 -20.50
C LEU A 588 -8.93 -8.02 -20.06
N LYS A 589 -9.68 -8.34 -19.01
CA LYS A 589 -9.82 -9.70 -18.55
C LYS A 589 -10.38 -10.63 -19.63
N ALA A 590 -11.42 -10.19 -20.35
CA ALA A 590 -11.96 -11.05 -21.39
C ALA A 590 -10.93 -11.14 -22.52
N LEU A 591 -10.29 -10.01 -22.82
CA LEU A 591 -9.32 -9.97 -23.88
C LEU A 591 -8.13 -10.88 -23.55
N ASN A 592 -7.71 -10.86 -22.28
CA ASN A 592 -6.60 -11.69 -21.85
C ASN A 592 -6.94 -13.17 -21.83
N ASP A 593 -8.17 -13.51 -21.44
CA ASP A 593 -8.63 -14.91 -21.55
C ASP A 593 -8.58 -15.46 -22.99
N PHE A 594 -8.96 -14.62 -23.95
CA PHE A 594 -8.85 -14.97 -25.37
C PHE A 594 -7.41 -15.26 -25.74
N VAL A 595 -6.53 -14.34 -25.35
CA VAL A 595 -5.12 -14.43 -25.69
C VAL A 595 -4.51 -15.74 -25.18
N LYS A 596 -4.84 -16.10 -23.95
CA LYS A 596 -4.39 -17.39 -23.39
C LYS A 596 -4.84 -18.60 -24.19
N VAL A 597 -6.12 -18.67 -24.55
CA VAL A 597 -6.63 -19.77 -25.34
C VAL A 597 -5.99 -19.77 -26.74
N SER A 598 -6.08 -18.64 -27.43
CA SER A 598 -5.50 -18.44 -28.75
C SER A 598 -3.99 -18.77 -28.85
N SER A 599 -3.22 -18.33 -27.86
CA SER A 599 -1.77 -18.56 -27.85
C SER A 599 -1.37 -20.03 -27.79
N GLN A 600 -2.24 -20.88 -27.26
CA GLN A 600 -2.01 -22.34 -27.27
C GLN A 600 -2.36 -23.03 -28.61
N LYS A 601 -3.12 -22.36 -29.47
CA LYS A 601 -3.58 -22.98 -30.72
C LYS A 601 -2.94 -22.43 -31.99
N THR A 602 -2.22 -21.31 -31.89
CA THR A 602 -1.75 -20.62 -33.09
C THR A 602 -0.46 -19.82 -32.86
N THR A 603 0.14 -19.33 -33.94
CA THR A 603 1.40 -18.56 -33.86
C THR A 603 1.17 -17.14 -33.37
N LYS A 604 2.13 -16.59 -32.63
CA LYS A 604 2.01 -15.26 -32.05
C LYS A 604 1.50 -14.19 -33.03
N PRO A 605 2.08 -14.11 -34.25
CA PRO A 605 1.49 -13.15 -35.19
C PRO A 605 -0.03 -13.27 -35.35
N GLN A 606 -0.54 -14.48 -35.53
CA GLN A 606 -1.99 -14.68 -35.67
C GLN A 606 -2.80 -14.28 -34.43
N THR A 607 -2.33 -14.64 -33.24
CA THR A 607 -3.01 -14.26 -31.99
C THR A 607 -3.04 -12.74 -31.85
N LYS A 608 -1.93 -12.10 -32.21
CA LYS A 608 -1.81 -10.66 -32.10
C LYS A 608 -2.87 -10.00 -32.99
N GLU A 609 -2.92 -10.41 -34.27
CA GLU A 609 -3.94 -9.91 -35.18
C GLU A 609 -5.38 -10.14 -34.69
N MET A 610 -5.65 -11.27 -34.10
CA MET A 610 -6.94 -11.54 -33.56
C MET A 610 -7.26 -10.74 -32.29
N MET A 611 -6.29 -10.52 -31.41
CA MET A 611 -6.36 -9.54 -30.35
C MET A 611 -6.80 -8.17 -30.91
N HIS A 612 -6.10 -7.70 -31.93
CA HIS A 612 -6.40 -6.42 -32.58
C HIS A 612 -7.81 -6.29 -33.12
N MET A 613 -8.34 -7.32 -33.79
CA MET A 613 -9.73 -7.29 -34.26
C MET A 613 -10.69 -7.28 -33.10
N CYS A 614 -10.38 -8.05 -32.07
CA CYS A 614 -11.23 -8.10 -30.92
C CYS A 614 -11.32 -6.71 -30.26
N MET A 615 -10.15 -6.08 -30.18
CA MET A 615 -10.02 -4.74 -29.61
C MET A 615 -10.75 -3.69 -30.46
N ARG A 616 -10.83 -3.95 -31.77
CA ARG A 616 -11.43 -2.98 -32.66
C ARG A 616 -12.95 -2.98 -32.64
N GLN A 617 -13.56 -3.88 -31.89
CA GLN A 617 -15.00 -3.88 -31.68
C GLN A 617 -15.46 -2.63 -30.89
N GLU A 618 -16.62 -2.10 -31.25
CA GLU A 618 -17.09 -0.85 -30.67
C GLU A 618 -17.12 -0.91 -29.15
N THR A 619 -17.64 -1.99 -28.61
CA THR A 619 -17.73 -2.17 -27.16
C THR A 619 -16.36 -2.10 -26.50
N TYR A 620 -15.35 -2.62 -27.20
CA TYR A 620 -13.99 -2.63 -26.68
C TYR A 620 -13.28 -1.28 -26.83
N MET A 621 -13.43 -0.62 -27.99
CA MET A 621 -12.83 0.69 -28.23
C MET A 621 -13.43 1.70 -27.25
N GLU A 622 -14.73 1.55 -27.01
CA GLU A 622 -15.40 2.41 -26.07
C GLU A 622 -14.93 2.19 -24.63
N ALA A 623 -15.01 0.94 -24.15
CA ALA A 623 -14.52 0.59 -22.79
C ALA A 623 -13.02 0.88 -22.54
N LEU A 624 -12.17 0.60 -23.51
CA LEU A 624 -10.73 0.74 -23.29
C LEU A 624 -10.15 2.15 -23.44
N SER A 625 -10.98 3.10 -23.89
CA SER A 625 -10.55 4.47 -24.21
C SER A 625 -11.12 5.51 -23.24
N HIS A 626 -10.45 6.66 -23.16
CA HIS A 626 -10.90 7.84 -22.39
C HIS A 626 -11.18 7.53 -20.92
N LEU A 627 -10.16 6.98 -20.25
CA LEU A 627 -10.29 6.78 -18.82
C LEU A 627 -9.11 7.38 -18.08
N GLN A 628 -9.22 7.43 -16.76
CA GLN A 628 -8.06 7.72 -15.93
C GLN A 628 -7.35 6.42 -15.63
N SER A 629 -6.04 6.47 -15.52
CA SER A 629 -5.31 5.28 -15.23
C SER A 629 -5.53 4.85 -13.79
N PRO A 630 -5.83 3.55 -13.57
CA PRO A 630 -5.86 3.09 -12.18
C PRO A 630 -4.47 3.15 -11.50
N LEU A 631 -3.40 3.17 -12.30
CA LEU A 631 -2.04 3.34 -11.77
C LEU A 631 -1.74 4.77 -11.27
N ASP A 632 -2.45 5.75 -11.82
CA ASP A 632 -2.17 7.15 -11.54
C ASP A 632 -3.37 7.96 -12.04
N PRO A 633 -4.23 8.42 -11.12
CA PRO A 633 -5.45 9.12 -11.57
C PRO A 633 -5.14 10.38 -12.41
N SER A 634 -3.90 10.87 -12.35
CA SER A 634 -3.57 12.09 -13.09
C SER A 634 -3.07 11.78 -14.53
N THR A 635 -2.84 10.51 -14.80
CA THR A 635 -2.56 10.01 -16.14
C THR A 635 -3.89 9.70 -16.83
N LEU A 636 -4.08 10.32 -17.99
CA LEU A 636 -5.25 10.10 -18.81
C LEU A 636 -4.96 9.06 -19.90
N LEU A 637 -5.74 7.97 -19.95
CA LEU A 637 -5.58 7.02 -21.04
C LEU A 637 -6.63 7.32 -22.11
N GLU A 638 -6.19 7.98 -23.17
CA GLU A 638 -7.11 8.49 -24.18
C GLU A 638 -7.49 7.45 -25.23
N GLU A 639 -6.85 7.51 -26.40
CA GLU A 639 -7.13 6.54 -27.45
C GLU A 639 -6.16 5.39 -27.39
N VAL A 640 -6.71 4.18 -27.34
CA VAL A 640 -5.90 2.99 -27.37
C VAL A 640 -5.34 2.85 -28.78
N CYS A 641 -4.01 2.71 -28.89
CA CYS A 641 -3.37 2.41 -30.15
CA CYS A 641 -3.37 2.46 -30.24
C CYS A 641 -3.32 0.92 -30.31
N VAL A 642 -4.32 0.39 -30.98
CA VAL A 642 -4.52 -1.03 -31.17
C VAL A 642 -3.30 -1.66 -31.81
N GLU A 643 -2.76 -0.97 -32.81
CA GLU A 643 -1.69 -1.50 -33.62
C GLU A 643 -0.46 -1.78 -32.79
N GLN A 644 -0.27 -1.03 -31.71
CA GLN A 644 0.89 -1.22 -30.88
C GLN A 644 0.63 -2.15 -29.71
N CYS A 645 -0.63 -2.53 -29.50
CA CYS A 645 -0.91 -3.46 -28.40
C CYS A 645 -0.47 -4.84 -28.78
N THR A 646 -0.18 -5.65 -27.77
CA THR A 646 0.35 -6.99 -27.98
C THR A 646 0.31 -7.74 -26.66
N PHE A 647 1.06 -8.83 -26.57
CA PHE A 647 1.13 -9.59 -25.33
C PHE A 647 2.49 -10.22 -25.19
N MET A 648 2.88 -10.51 -23.96
CA MET A 648 4.18 -11.07 -23.69
C MET A 648 4.15 -12.59 -23.54
N ASP A 649 5.32 -13.19 -23.63
CA ASP A 649 5.41 -14.63 -23.80
C ASP A 649 5.46 -15.41 -22.50
N SER A 650 5.53 -14.70 -21.38
CA SER A 650 5.49 -15.32 -20.05
C SER A 650 4.17 -16.05 -19.82
N LYS A 651 4.19 -17.00 -18.90
CA LYS A 651 3.08 -17.94 -18.68
C LYS A 651 1.67 -17.34 -18.79
N MET A 652 1.43 -16.26 -18.06
CA MET A 652 0.10 -15.66 -17.97
C MET A 652 -0.25 -14.84 -19.20
N LYS A 653 0.68 -14.75 -20.15
CA LYS A 653 0.49 -13.97 -21.37
C LYS A 653 -0.05 -12.57 -21.06
N PRO A 654 0.69 -11.77 -20.25
CA PRO A 654 0.18 -10.43 -19.92
C PRO A 654 0.04 -9.55 -21.13
N LEU A 655 -0.93 -8.64 -21.09
CA LEU A 655 -1.22 -7.78 -22.22
C LEU A 655 -0.47 -6.47 -22.08
N TRP A 656 -0.02 -5.98 -23.23
CA TRP A 656 0.73 -4.75 -23.35
C TRP A 656 -0.20 -3.79 -24.10
N ILE A 657 -0.72 -2.79 -23.38
CA ILE A 657 -1.67 -1.86 -23.99
C ILE A 657 -1.06 -0.47 -24.15
N MET A 658 -0.99 0.01 -25.39
CA MET A 658 -0.50 1.35 -25.66
C MET A 658 -1.60 2.38 -25.80
N TYR A 659 -1.32 3.60 -25.35
CA TYR A 659 -2.25 4.72 -25.45
C TYR A 659 -1.66 5.92 -26.10
N SER A 660 -2.51 6.81 -26.61
CA SER A 660 -2.05 8.10 -27.09
C SER A 660 -3.09 9.17 -26.88
N SER A 661 -2.61 10.40 -26.95
CA SER A 661 -3.40 11.59 -26.71
C SER A 661 -2.80 12.72 -27.53
N GLU A 662 -3.62 13.31 -28.39
CA GLU A 662 -3.20 14.46 -29.19
C GLU A 662 -2.90 15.63 -28.24
N GLU A 663 -3.81 15.87 -27.30
CA GLU A 663 -3.77 17.00 -26.37
C GLU A 663 -2.59 16.95 -25.41
N ALA A 664 -2.16 15.74 -25.05
CA ALA A 664 -0.98 15.56 -24.22
C ALA A 664 0.34 15.55 -25.01
N GLY A 665 0.25 15.56 -26.34
CA GLY A 665 1.42 15.37 -27.21
C GLY A 665 2.15 14.06 -26.92
N SER A 666 3.47 14.07 -27.07
CA SER A 666 4.31 12.91 -26.72
C SER A 666 4.08 12.36 -25.31
N ALA A 667 3.72 13.22 -24.36
CA ALA A 667 3.65 12.83 -22.95
C ALA A 667 2.43 11.97 -22.68
N GLY A 668 1.46 12.04 -23.58
CA GLY A 668 0.27 11.19 -23.55
C GLY A 668 0.49 9.88 -24.26
N ASN A 669 1.75 9.54 -24.51
CA ASN A 669 2.08 8.24 -25.09
C ASN A 669 2.51 7.34 -23.97
N VAL A 670 1.59 6.52 -23.47
CA VAL A 670 1.86 5.77 -22.26
C VAL A 670 1.41 4.34 -22.43
N GLY A 671 1.98 3.45 -21.61
CA GLY A 671 1.72 2.03 -21.73
C GLY A 671 1.27 1.47 -20.40
N ILE A 672 0.32 0.54 -20.43
CA ILE A 672 0.01 -0.26 -19.25
C ILE A 672 0.12 -1.72 -19.61
N ILE A 673 0.52 -2.55 -18.64
CA ILE A 673 0.52 -4.01 -18.78
C ILE A 673 -0.61 -4.55 -17.93
N PHE A 674 -1.43 -5.41 -18.50
CA PHE A 674 -2.45 -6.10 -17.74
C PHE A 674 -1.97 -7.54 -17.51
N LYS A 675 -2.08 -7.96 -16.26
CA LYS A 675 -1.68 -9.29 -15.86
C LYS A 675 -2.79 -9.94 -15.04
N ASN A 676 -3.14 -11.16 -15.44
CA ASN A 676 -4.15 -11.93 -14.77
C ASN A 676 -3.67 -13.37 -14.62
N GLY A 677 -3.54 -13.82 -13.38
CA GLY A 677 -2.95 -15.12 -13.11
C GLY A 677 -1.85 -15.06 -12.07
N ASP A 678 -1.28 -13.89 -11.87
CA ASP A 678 -0.24 -13.73 -10.86
C ASP A 678 -0.68 -12.79 -9.74
N ASP A 679 -0.17 -13.05 -8.56
CA ASP A 679 -0.35 -12.18 -7.42
C ASP A 679 0.59 -11.00 -7.64
N LEU A 680 0.08 -9.77 -7.52
CA LEU A 680 0.92 -8.58 -7.68
C LEU A 680 1.19 -7.83 -6.37
N ARG A 681 0.50 -8.23 -5.29
CA ARG A 681 0.65 -7.65 -3.97
C ARG A 681 2.11 -7.53 -3.53
N GLN A 682 2.87 -8.61 -3.65
CA GLN A 682 4.29 -8.61 -3.31
C GLN A 682 5.14 -7.61 -4.13
N ASP A 683 4.95 -7.59 -5.44
CA ASP A 683 5.57 -6.57 -6.27
C ASP A 683 5.17 -5.15 -5.90
N MET A 684 3.89 -4.94 -5.57
CA MET A 684 3.46 -3.59 -5.17
C MET A 684 4.18 -3.14 -3.92
N LEU A 685 4.24 -4.03 -2.93
CA LEU A 685 4.89 -3.76 -1.68
C LEU A 685 6.39 -3.45 -1.86
N THR A 686 7.07 -4.29 -2.64
CA THR A 686 8.49 -4.11 -2.89
C THR A 686 8.72 -2.75 -3.56
N LEU A 687 7.90 -2.43 -4.55
CA LEU A 687 8.03 -1.14 -5.23
C LEU A 687 7.73 0.05 -4.33
N GLN A 688 6.80 -0.10 -3.41
CA GLN A 688 6.54 1.01 -2.48
C GLN A 688 7.71 1.26 -1.53
N MET A 689 8.31 0.19 -1.03
CA MET A 689 9.47 0.27 -0.17
C MET A 689 10.69 0.85 -0.89
N ILE A 690 10.82 0.55 -2.18
CA ILE A 690 11.90 1.14 -2.96
C ILE A 690 11.61 2.62 -3.16
N GLN A 691 10.38 2.98 -3.35
CA GLN A 691 10.04 4.36 -3.54
C GLN A 691 10.22 5.16 -2.26
N LEU A 692 9.99 4.53 -1.15
CA LEU A 692 10.20 5.13 0.15
C LEU A 692 11.70 5.43 0.37
N MET A 693 12.54 4.48 -0.03
CA MET A 693 13.98 4.61 0.04
C MET A 693 14.42 5.85 -0.73
N ASP A 694 13.91 5.97 -1.96
CA ASP A 694 14.21 7.10 -2.84
C ASP A 694 13.82 8.43 -2.19
N VAL A 695 12.67 8.46 -1.51
CA VAL A 695 12.19 9.65 -0.78
C VAL A 695 13.13 10.02 0.36
N LEU A 696 13.57 9.01 1.09
CA LEU A 696 14.49 9.21 2.21
C LEU A 696 15.87 9.63 1.71
N TRP A 697 16.33 8.99 0.65
CA TRP A 697 17.61 9.36 0.04
C TRP A 697 17.57 10.82 -0.44
N LYS A 698 16.51 11.17 -1.16
CA LYS A 698 16.41 12.52 -1.69
C LYS A 698 16.29 13.58 -0.61
N GLN A 699 15.76 13.21 0.55
CA GLN A 699 15.62 14.13 1.67
C GLN A 699 16.98 14.50 2.26
N GLU A 700 18.01 13.69 2.01
CA GLU A 700 19.39 13.95 2.43
C GLU A 700 20.23 14.41 1.25
N GLY A 701 19.58 14.97 0.23
CA GLY A 701 20.28 15.34 -0.99
C GLY A 701 20.95 14.23 -1.80
N LEU A 702 20.53 12.97 -1.67
CA LEU A 702 21.05 11.90 -2.53
C LEU A 702 20.01 11.41 -3.54
N ASP A 703 20.19 11.75 -4.81
CA ASP A 703 19.34 11.29 -5.91
C ASP A 703 19.98 10.13 -6.69
N LEU A 704 19.52 8.91 -6.43
CA LEU A 704 20.06 7.72 -7.10
C LEU A 704 19.31 7.35 -8.38
N ARG A 705 18.54 8.30 -8.90
CA ARG A 705 18.03 8.17 -10.28
C ARG A 705 17.17 6.90 -10.44
N MET A 706 16.36 6.62 -9.41
CA MET A 706 15.46 5.46 -9.37
C MET A 706 14.29 5.60 -10.34
N THR A 707 13.65 4.47 -10.70
CA THR A 707 12.46 4.47 -11.56
C THR A 707 11.23 3.91 -10.82
N PRO A 708 10.57 4.76 -10.05
CA PRO A 708 9.44 4.27 -9.25
C PRO A 708 8.16 4.12 -10.09
N TYR A 709 8.06 3.09 -10.91
CA TYR A 709 6.88 2.89 -11.77
C TYR A 709 5.66 2.27 -11.05
N GLY A 710 4.46 2.61 -11.51
CA GLY A 710 3.21 2.07 -10.97
C GLY A 710 3.03 0.54 -11.04
N CYS A 711 2.43 0.00 -9.98
CA CYS A 711 2.04 -1.39 -9.94
C CYS A 711 0.88 -1.47 -8.97
N LEU A 712 -0.23 -2.02 -9.42
CA LEU A 712 -1.49 -1.90 -8.72
C LEU A 712 -2.37 -3.13 -8.93
N PRO A 713 -2.50 -3.96 -7.89
CA PRO A 713 -3.46 -5.07 -7.99
C PRO A 713 -4.86 -4.46 -8.00
N THR A 714 -5.76 -5.04 -8.79
CA THR A 714 -7.09 -4.48 -8.96
C THR A 714 -8.14 -5.51 -8.60
N GLY A 715 -7.74 -6.77 -8.55
CA GLY A 715 -8.72 -7.85 -8.37
C GLY A 715 -8.07 -9.18 -8.08
N ASP A 716 -8.84 -10.25 -8.22
CA ASP A 716 -8.35 -11.57 -7.90
C ASP A 716 -7.21 -11.95 -8.83
N ARG A 717 -5.98 -11.96 -8.30
CA ARG A 717 -4.78 -12.25 -9.09
C ARG A 717 -4.79 -11.39 -10.36
N THR A 718 -5.22 -10.15 -10.22
CA THR A 718 -5.36 -9.26 -11.33
C THR A 718 -4.80 -7.92 -10.94
N GLY A 719 -4.03 -7.29 -11.83
CA GLY A 719 -3.61 -5.91 -11.62
C GLY A 719 -2.88 -5.31 -12.80
N LEU A 720 -2.31 -4.13 -12.59
CA LEU A 720 -1.72 -3.38 -13.68
C LEU A 720 -0.30 -2.97 -13.36
N ILE A 721 0.52 -2.90 -14.40
CA ILE A 721 1.89 -2.36 -14.30
C ILE A 721 2.08 -1.16 -15.25
N GLU A 722 2.76 -0.13 -14.78
CA GLU A 722 3.08 1.01 -15.62
C GLU A 722 4.26 0.72 -16.50
N VAL A 723 4.10 0.93 -17.80
CA VAL A 723 5.17 0.65 -18.72
C VAL A 723 6.17 1.80 -18.69
N VAL A 724 7.43 1.47 -18.46
CA VAL A 724 8.48 2.45 -18.65
C VAL A 724 8.98 2.27 -20.06
N LEU A 725 8.64 3.21 -20.92
CA LEU A 725 8.93 3.07 -22.34
C LEU A 725 10.41 3.31 -22.57
N HIS A 726 10.90 2.90 -23.74
CA HIS A 726 12.27 3.17 -24.12
C HIS A 726 13.25 2.43 -23.22
N SER A 727 12.84 1.25 -22.79
CA SER A 727 13.71 0.42 -22.00
C SER A 727 13.67 -0.97 -22.58
N ASP A 728 14.65 -1.78 -22.21
CA ASP A 728 14.72 -3.16 -22.66
C ASP A 728 15.45 -3.90 -21.54
N THR A 729 15.33 -5.22 -21.55
CA THR A 729 15.97 -6.04 -20.52
C THR A 729 17.45 -6.18 -20.84
N ILE A 730 18.27 -6.34 -19.79
CA ILE A 730 19.67 -6.72 -19.96
C ILE A 730 19.81 -7.94 -20.88
N ALA A 731 19.00 -8.97 -20.64
CA ALA A 731 19.07 -10.19 -21.46
C ALA A 731 18.90 -9.88 -22.94
N ASN A 732 17.93 -9.04 -23.27
CA ASN A 732 17.66 -8.72 -24.66
CA ASN A 732 17.66 -8.66 -24.74
C ASN A 732 18.81 -7.94 -25.29
N ILE A 733 19.35 -7.01 -24.54
CA ILE A 733 20.49 -6.23 -25.01
C ILE A 733 21.72 -7.14 -25.13
N GLN A 734 21.83 -8.10 -24.23
CA GLN A 734 22.93 -9.06 -24.27
C GLN A 734 22.76 -10.20 -25.29
N LEU A 735 21.65 -10.18 -26.05
CA LEU A 735 21.52 -11.13 -27.16
C LEU A 735 22.58 -10.88 -28.23
N ASN A 736 23.13 -9.66 -28.21
CA ASN A 736 24.27 -9.27 -29.07
C ASN A 736 24.00 -9.61 -30.54
N LYS A 737 22.89 -9.09 -31.05
CA LYS A 737 22.47 -9.30 -32.43
C LYS A 737 23.37 -8.50 -33.38
N SER A 738 23.69 -9.12 -34.51
CA SER A 738 24.40 -8.41 -35.58
C SER A 738 23.43 -7.47 -36.31
N ASN A 739 23.98 -6.55 -37.09
CA ASN A 739 23.17 -5.65 -37.95
C ASN A 739 22.45 -4.57 -37.14
N MET A 740 22.83 -4.47 -35.87
CA MET A 740 22.34 -3.47 -34.96
C MET A 740 23.51 -2.54 -34.68
N ALA A 741 23.24 -1.47 -33.93
CA ALA A 741 24.30 -0.53 -33.55
C ALA A 741 25.28 -1.20 -32.58
N ALA A 742 24.73 -1.89 -31.58
CA ALA A 742 25.49 -2.37 -30.40
C ALA A 742 26.47 -3.57 -30.58
N THR A 743 26.81 -3.91 -31.83
CA THR A 743 27.54 -5.15 -32.14
C THR A 743 29.00 -5.18 -31.65
N ALA A 744 29.28 -6.04 -30.68
CA ALA A 744 30.58 -6.08 -30.01
C ALA A 744 31.44 -7.31 -30.26
N ALA A 745 32.74 -7.12 -30.06
CA ALA A 745 33.73 -8.17 -30.17
C ALA A 745 33.62 -9.16 -29.01
N PHE A 746 33.17 -8.64 -27.87
CA PHE A 746 33.07 -9.40 -26.63
C PHE A 746 31.74 -9.08 -25.98
N ASN A 747 31.06 -10.09 -25.45
CA ASN A 747 29.73 -9.90 -24.84
C ASN A 747 29.76 -8.88 -23.70
N LYS A 748 30.87 -8.80 -22.98
CA LYS A 748 30.99 -7.81 -21.90
C LYS A 748 30.79 -6.37 -22.39
N ASP A 749 30.95 -6.15 -23.69
CA ASP A 749 30.83 -4.81 -24.24
C ASP A 749 29.43 -4.40 -24.72
N ALA A 750 28.52 -5.38 -24.83
CA ALA A 750 27.21 -5.17 -25.40
C ALA A 750 26.44 -4.05 -24.70
N LEU A 751 26.38 -4.14 -23.39
CA LEU A 751 25.60 -3.19 -22.60
C LEU A 751 26.11 -1.78 -22.86
N LEU A 752 27.42 -1.61 -22.87
CA LEU A 752 28.03 -0.29 -23.01
C LEU A 752 27.89 0.23 -24.43
N ASN A 753 27.99 -0.66 -25.42
CA ASN A 753 27.72 -0.31 -26.81
C ASN A 753 26.28 0.19 -27.01
N TRP A 754 25.34 -0.44 -26.32
CA TRP A 754 23.94 -0.07 -26.43
C TRP A 754 23.77 1.37 -25.90
N LEU A 755 24.34 1.63 -24.73
CA LEU A 755 24.28 2.97 -24.13
C LEU A 755 24.89 4.01 -25.04
N LYS A 756 26.04 3.68 -25.64
CA LYS A 756 26.71 4.54 -26.62
C LYS A 756 25.80 4.91 -27.78
N SER A 757 25.06 3.94 -28.30
CA SER A 757 24.19 4.18 -29.47
C SER A 757 22.97 5.01 -29.13
N LYS A 758 22.52 4.94 -27.88
CA LYS A 758 21.40 5.77 -27.42
C LYS A 758 21.89 7.11 -26.83
N ASN A 759 23.20 7.32 -26.78
CA ASN A 759 23.77 8.49 -26.12
C ASN A 759 25.05 8.97 -26.79
N PRO A 760 24.93 9.52 -28.01
CA PRO A 760 26.14 9.85 -28.78
C PRO A 760 26.99 10.92 -28.11
N GLY A 761 28.28 10.90 -28.45
CA GLY A 761 29.27 11.83 -27.94
C GLY A 761 29.18 12.14 -26.46
N GLU A 762 29.11 13.44 -26.17
CA GLU A 762 29.16 13.95 -24.81
C GLU A 762 28.09 13.41 -23.88
N ALA A 763 26.97 12.92 -24.42
CA ALA A 763 25.88 12.39 -23.56
C ALA A 763 26.22 11.05 -22.88
N LEU A 764 27.27 10.37 -23.36
CA LEU A 764 27.63 9.06 -22.82
C LEU A 764 28.03 9.13 -21.35
N ASP A 765 28.85 10.12 -20.98
CA ASP A 765 29.22 10.34 -19.58
C ASP A 765 28.04 10.37 -18.62
N ARG A 766 26.99 11.10 -18.98
CA ARG A 766 25.83 11.24 -18.12
C ARG A 766 25.05 9.92 -18.04
N ALA A 767 24.95 9.19 -19.15
CA ALA A 767 24.27 7.90 -19.17
C ALA A 767 24.96 6.92 -18.19
N ILE A 768 26.28 6.87 -18.27
CA ILE A 768 27.11 6.08 -17.36
C ILE A 768 26.93 6.51 -15.90
N GLU A 769 26.79 7.82 -15.68
CA GLU A 769 26.52 8.28 -14.34
C GLU A 769 25.10 7.86 -13.90
N GLU A 770 24.11 8.07 -14.76
CA GLU A 770 22.74 7.64 -14.48
C GLU A 770 22.73 6.13 -14.11
N PHE A 771 23.44 5.32 -14.90
CA PHE A 771 23.53 3.88 -14.67
C PHE A 771 24.18 3.55 -13.33
N THR A 772 25.27 4.25 -13.00
CA THR A 772 26.01 4.07 -11.74
C THR A 772 25.14 4.35 -10.53
N LEU A 773 24.48 5.51 -10.53
CA LEU A 773 23.65 5.91 -9.39
C LEU A 773 22.47 4.93 -9.20
N SER A 774 21.77 4.60 -10.29
CA SER A 774 20.61 3.72 -10.16
C SER A 774 21.04 2.31 -9.74
N CYS A 775 22.16 1.85 -10.30
CA CYS A 775 22.73 0.55 -9.92
C CYS A 775 22.97 0.44 -8.40
N ALA A 776 23.54 1.50 -7.83
CA ALA A 776 23.80 1.60 -6.39
C ALA A 776 22.50 1.53 -5.58
N GLY A 777 21.50 2.27 -6.02
CA GLY A 777 20.17 2.27 -5.41
C GLY A 777 19.55 0.86 -5.40
N TYR A 778 19.57 0.19 -6.56
CA TYR A 778 18.94 -1.12 -6.67
C TYR A 778 19.76 -2.23 -6.02
N CYS A 779 21.07 -2.06 -5.97
CA CYS A 779 21.88 -3.08 -5.30
C CYS A 779 21.63 -3.01 -3.81
N VAL A 780 21.42 -1.78 -3.31
CA VAL A 780 21.18 -1.58 -1.89
C VAL A 780 19.76 -2.02 -1.56
N ALA A 781 18.79 -1.61 -2.38
CA ALA A 781 17.40 -1.95 -2.12
C ALA A 781 17.18 -3.48 -2.15
N THR A 782 17.74 -4.15 -3.14
CA THR A 782 17.59 -5.60 -3.25
C THR A 782 18.29 -6.29 -2.10
N TYR A 783 19.47 -5.80 -1.73
CA TYR A 783 20.20 -6.33 -0.59
C TYR A 783 19.43 -6.18 0.73
N VAL A 784 18.91 -4.99 0.98
CA VAL A 784 18.21 -4.72 2.24
C VAL A 784 16.88 -5.51 2.33
N LEU A 785 16.15 -5.55 1.22
CA LEU A 785 14.85 -6.19 1.16
C LEU A 785 14.92 -7.71 0.98
N GLY A 786 16.11 -8.26 0.71
CA GLY A 786 16.25 -9.71 0.52
C GLY A 786 15.65 -10.24 -0.77
N ILE A 787 15.80 -9.49 -1.84
CA ILE A 787 15.23 -9.84 -3.13
C ILE A 787 16.27 -10.64 -3.89
N GLY A 788 15.95 -11.91 -4.12
CA GLY A 788 16.84 -12.82 -4.84
C GLY A 788 16.31 -13.08 -6.23
N ASP A 789 16.88 -14.08 -6.88
CA ASP A 789 16.56 -14.43 -8.26
C ASP A 789 16.57 -13.20 -9.18
N ARG A 790 17.55 -12.34 -8.95
CA ARG A 790 17.83 -11.26 -9.88
C ARG A 790 18.68 -11.86 -10.98
N HIS A 791 18.33 -11.55 -12.22
CA HIS A 791 19.09 -12.00 -13.39
C HIS A 791 18.77 -11.09 -14.57
N SER A 792 19.37 -11.34 -15.73
CA SER A 792 19.35 -10.37 -16.84
C SER A 792 17.97 -10.21 -17.53
N ASP A 793 17.02 -11.08 -17.16
CA ASP A 793 15.69 -11.11 -17.74
C ASP A 793 14.71 -10.25 -16.93
N ASN A 794 15.06 -9.97 -15.67
CA ASN A 794 14.19 -9.15 -14.83
C ASN A 794 14.83 -7.83 -14.37
N ILE A 795 15.92 -7.48 -15.03
CA ILE A 795 16.56 -6.20 -14.85
C ILE A 795 16.48 -5.44 -16.17
N MET A 796 16.03 -4.20 -16.10
CA MET A 796 15.84 -3.37 -17.27
C MET A 796 16.68 -2.09 -17.23
N ILE A 797 17.06 -1.61 -18.40
CA ILE A 797 17.72 -0.31 -18.53
C ILE A 797 16.95 0.57 -19.47
N ARG A 798 16.83 1.82 -19.06
CA ARG A 798 16.33 2.87 -19.88
C ARG A 798 17.42 3.44 -20.76
N GLU A 799 17.00 4.17 -21.79
CA GLU A 799 17.97 4.73 -22.74
C GLU A 799 18.85 5.82 -22.12
N SER A 800 18.35 6.44 -21.06
CA SER A 800 19.11 7.39 -20.24
C SER A 800 20.25 6.73 -19.50
N GLY A 801 20.24 5.40 -19.40
CA GLY A 801 21.24 4.67 -18.65
C GLY A 801 20.72 4.15 -17.33
N GLN A 802 19.57 4.67 -16.87
CA GLN A 802 18.95 4.23 -15.61
C GLN A 802 18.55 2.78 -15.65
N LEU A 803 18.83 2.08 -14.56
CA LEU A 803 18.65 0.65 -14.43
C LEU A 803 17.50 0.42 -13.45
N PHE A 804 16.66 -0.59 -13.70
CA PHE A 804 15.58 -0.89 -12.74
C PHE A 804 15.16 -2.37 -12.75
N HIS A 805 14.29 -2.71 -11.79
CA HIS A 805 13.94 -4.11 -11.60
C HIS A 805 12.48 -4.39 -11.85
N ILE A 806 12.23 -5.54 -12.47
CA ILE A 806 10.88 -6.04 -12.60
C ILE A 806 10.71 -7.44 -11.98
N ASP A 807 9.46 -7.81 -11.71
CA ASP A 807 9.11 -9.18 -11.36
C ASP A 807 9.76 -9.68 -10.08
N PHE A 808 9.30 -9.16 -8.96
CA PHE A 808 9.75 -9.55 -7.63
C PHE A 808 8.87 -10.71 -7.11
N GLY A 809 9.22 -11.93 -7.44
CA GLY A 809 8.48 -13.07 -6.91
C GLY A 809 8.85 -13.37 -5.46
N HIS A 810 9.99 -12.83 -5.03
CA HIS A 810 10.58 -13.20 -3.76
C HIS A 810 11.32 -12.06 -3.06
N PHE A 811 10.98 -11.80 -1.80
CA PHE A 811 11.74 -10.87 -0.93
C PHE A 811 12.03 -11.43 0.47
N LEU A 812 12.74 -10.64 1.28
CA LEU A 812 13.09 -11.02 2.65
C LEU A 812 13.74 -12.40 2.73
N GLY A 813 14.58 -12.71 1.73
CA GLY A 813 15.38 -13.92 1.73
C GLY A 813 14.67 -15.21 1.37
N ASN A 814 13.36 -15.14 1.16
CA ASN A 814 12.56 -16.31 0.82
C ASN A 814 12.65 -16.66 -0.66
N PHE A 815 13.78 -17.26 -1.06
CA PHE A 815 14.06 -17.65 -2.45
C PHE A 815 14.23 -16.43 -3.37
N ARG A 825 19.16 -16.09 3.24
CA ARG A 825 20.03 -14.93 3.42
C ARG A 825 20.79 -14.59 2.12
N VAL A 826 20.21 -13.68 1.33
CA VAL A 826 20.76 -13.33 0.02
C VAL A 826 21.98 -12.39 0.08
N PRO A 827 23.09 -12.78 -0.56
CA PRO A 827 24.28 -11.91 -0.55
C PRO A 827 24.05 -10.60 -1.30
N PHE A 828 24.90 -9.62 -1.03
CA PHE A 828 24.95 -8.43 -1.87
C PHE A 828 25.42 -8.90 -3.25
N ILE A 829 24.96 -8.21 -4.29
CA ILE A 829 25.19 -8.65 -5.65
C ILE A 829 25.88 -7.55 -6.45
N LEU A 830 27.02 -7.90 -7.04
CA LEU A 830 27.66 -7.07 -8.05
C LEU A 830 27.90 -7.90 -9.30
N THR A 831 27.23 -7.54 -10.38
CA THR A 831 27.40 -8.25 -11.63
C THR A 831 28.52 -7.62 -12.42
N TYR A 832 29.35 -8.46 -13.01
CA TYR A 832 30.48 -8.02 -13.80
C TYR A 832 30.15 -7.00 -14.89
N ASP A 833 29.01 -7.16 -15.54
CA ASP A 833 28.66 -6.30 -16.67
C ASP A 833 28.18 -4.93 -16.21
N PHE A 834 27.64 -4.84 -15.00
CA PHE A 834 27.35 -3.53 -14.43
C PHE A 834 28.67 -2.88 -14.03
N VAL A 835 29.50 -3.65 -13.33
CA VAL A 835 30.82 -3.20 -12.92
C VAL A 835 31.61 -2.69 -14.13
N HIS A 836 31.56 -3.44 -15.23
CA HIS A 836 32.22 -3.03 -16.47
C HIS A 836 31.76 -1.65 -16.96
N VAL A 837 30.45 -1.40 -16.89
CA VAL A 837 29.85 -0.13 -17.30
C VAL A 837 30.22 1.04 -16.35
N ILE A 838 30.16 0.80 -15.04
CA ILE A 838 30.56 1.79 -14.06
C ILE A 838 32.01 2.22 -14.30
N GLN A 839 32.84 1.25 -14.68
CA GLN A 839 34.25 1.49 -14.94
C GLN A 839 34.53 2.05 -16.34
N GLN A 840 33.50 2.62 -17.00
CA GLN A 840 33.59 3.13 -18.38
C GLN A 840 34.30 2.19 -19.38
N GLY A 841 34.10 0.89 -19.21
CA GLY A 841 34.63 -0.10 -20.17
C GLY A 841 36.08 -0.45 -19.96
N LYS A 842 36.66 0.09 -18.90
CA LYS A 842 38.07 -0.12 -18.59
C LYS A 842 38.23 -1.27 -17.61
N THR A 843 39.33 -2.00 -17.75
CA THR A 843 39.64 -3.14 -16.90
C THR A 843 39.83 -2.71 -15.45
N ASN A 844 40.62 -1.65 -15.27
CA ASN A 844 40.83 -1.08 -13.94
C ASN A 844 40.43 0.38 -13.91
N ASN A 845 39.54 0.72 -12.99
CA ASN A 845 39.07 2.09 -12.85
C ASN A 845 38.52 2.25 -11.44
N SER A 846 39.43 2.34 -10.49
CA SER A 846 39.03 2.41 -9.10
C SER A 846 38.51 3.80 -8.73
N GLU A 847 38.83 4.80 -9.54
CA GLU A 847 38.22 6.10 -9.38
C GLU A 847 36.71 5.98 -9.58
N LYS A 848 36.28 5.40 -10.69
CA LYS A 848 34.84 5.25 -10.90
C LYS A 848 34.22 4.21 -9.99
N PHE A 849 34.90 3.08 -9.82
CA PHE A 849 34.35 2.00 -9.00
C PHE A 849 34.14 2.45 -7.56
N GLU A 850 35.10 3.18 -7.01
CA GLU A 850 34.99 3.63 -5.62
C GLU A 850 33.97 4.77 -5.38
N ARG A 851 33.78 5.65 -6.36
CA ARG A 851 32.69 6.58 -6.28
C ARG A 851 31.42 5.74 -6.11
N PHE A 852 31.30 4.69 -6.92
CA PHE A 852 30.19 3.77 -6.85
C PHE A 852 30.02 3.15 -5.47
N ARG A 853 31.09 2.57 -4.92
CA ARG A 853 31.07 2.10 -3.53
C ARG A 853 30.46 3.14 -2.54
N GLY A 854 30.84 4.41 -2.67
CA GLY A 854 30.36 5.48 -1.80
C GLY A 854 28.89 5.70 -1.96
N TYR A 855 28.42 5.71 -3.21
CA TYR A 855 26.99 5.76 -3.46
C TYR A 855 26.27 4.71 -2.64
N CYS A 856 26.70 3.45 -2.79
CA CYS A 856 26.13 2.35 -2.00
C CYS A 856 26.18 2.58 -0.51
N GLU A 857 27.35 2.95 -0.01
CA GLU A 857 27.53 3.24 1.42
C GLU A 857 26.69 4.40 2.01
N ARG A 858 26.64 5.55 1.34
CA ARG A 858 25.67 6.62 1.67
C ARG A 858 24.22 6.12 1.69
N ALA A 859 23.81 5.43 0.61
CA ALA A 859 22.43 4.95 0.44
C ALA A 859 22.04 4.02 1.57
N TYR A 860 22.96 3.11 1.88
CA TYR A 860 22.76 2.16 2.97
C TYR A 860 22.73 2.83 4.34
N THR A 861 23.66 3.75 4.61
CA THR A 861 23.70 4.39 5.94
C THR A 861 22.46 5.24 6.18
N ILE A 862 21.96 5.91 5.14
CA ILE A 862 20.71 6.66 5.22
C ILE A 862 19.52 5.77 5.62
N LEU A 863 19.38 4.60 4.98
CA LEU A 863 18.27 3.69 5.30
C LEU A 863 18.29 3.18 6.76
N ARG A 864 19.46 2.79 7.27
CA ARG A 864 19.62 2.47 8.72
C ARG A 864 19.06 3.52 9.66
N ARG A 865 19.20 4.80 9.32
CA ARG A 865 18.69 5.87 10.18
C ARG A 865 17.17 5.85 10.25
N HIS A 866 16.54 5.25 9.24
CA HIS A 866 15.09 5.12 9.18
C HIS A 866 14.64 3.67 9.32
N GLY A 867 15.56 2.80 9.73
CA GLY A 867 15.25 1.39 9.95
C GLY A 867 13.94 1.16 10.69
N LEU A 868 13.72 1.94 11.74
CA LEU A 868 12.50 1.82 12.50
C LEU A 868 11.25 2.06 11.67
N LEU A 869 11.35 2.92 10.67
CA LEU A 869 10.21 3.20 9.84
C LEU A 869 9.84 1.96 9.00
N PHE A 870 10.83 1.30 8.42
CA PHE A 870 10.61 0.05 7.67
C PHE A 870 10.09 -1.07 8.55
N LEU A 871 10.66 -1.20 9.75
CA LEU A 871 10.20 -2.22 10.69
C LEU A 871 8.73 -2.05 11.07
N HIS A 872 8.32 -0.81 11.32
CA HIS A 872 6.92 -0.56 11.72
C HIS A 872 6.00 -0.81 10.56
N LEU A 873 6.44 -0.43 9.35
CA LEU A 873 5.66 -0.63 8.15
C LEU A 873 5.46 -2.12 7.80
N PHE A 874 6.52 -2.91 7.90
CA PHE A 874 6.41 -4.35 7.66
C PHE A 874 5.61 -5.05 8.76
N ALA A 875 5.74 -4.57 9.98
CA ALA A 875 4.97 -5.08 11.09
C ALA A 875 3.49 -4.99 10.77
N LEU A 876 3.09 -3.87 10.18
CA LEU A 876 1.69 -3.61 9.86
C LEU A 876 1.21 -4.47 8.69
N MET A 877 2.14 -4.85 7.84
CA MET A 877 1.86 -5.62 6.63
C MET A 877 1.69 -7.09 6.93
N ARG A 878 2.08 -7.51 8.12
CA ARG A 878 1.85 -8.88 8.53
C ARG A 878 0.37 -9.22 8.45
N ALA A 879 -0.45 -8.20 8.29
CA ALA A 879 -1.90 -8.36 8.21
C ALA A 879 -2.35 -8.72 6.78
N ALA A 880 -1.44 -8.59 5.83
CA ALA A 880 -1.79 -8.81 4.42
C ALA A 880 -1.99 -10.28 4.05
N GLY A 881 -1.42 -11.18 4.85
CA GLY A 881 -1.32 -12.58 4.45
C GLY A 881 -0.56 -12.76 3.15
N LEU A 882 0.53 -12.01 2.98
CA LEU A 882 1.50 -12.26 1.92
C LEU A 882 2.30 -13.47 2.38
N PRO A 883 2.41 -14.50 1.53
CA PRO A 883 3.02 -15.77 1.98
C PRO A 883 4.47 -15.65 2.50
N GLU A 884 5.22 -14.65 2.01
CA GLU A 884 6.59 -14.42 2.48
C GLU A 884 6.67 -13.32 3.52
N LEU A 885 5.53 -12.99 4.13
CA LEU A 885 5.45 -11.99 5.17
C LEU A 885 4.47 -12.50 6.22
N SER A 886 4.84 -13.62 6.82
CA SER A 886 3.96 -14.41 7.66
C SER A 886 4.24 -14.28 9.16
N CYS A 887 5.52 -14.32 9.52
CA CYS A 887 5.91 -14.35 10.93
C CYS A 887 7.03 -13.35 11.28
N SER A 888 7.73 -13.65 12.37
CA SER A 888 8.75 -12.77 12.95
C SER A 888 10.07 -12.83 12.20
N LYS A 889 10.44 -14.03 11.77
CA LYS A 889 11.71 -14.29 11.08
C LYS A 889 11.90 -13.50 9.77
N ASP A 890 10.78 -13.06 9.17
CA ASP A 890 10.78 -12.19 8.00
C ASP A 890 11.15 -10.75 8.37
N ILE A 891 10.67 -10.29 9.52
CA ILE A 891 11.05 -8.99 10.10
C ILE A 891 12.52 -9.05 10.54
N GLN A 892 12.92 -10.18 11.08
CA GLN A 892 14.30 -10.41 11.51
C GLN A 892 15.25 -10.20 10.33
N TYR A 893 14.78 -10.58 9.13
CA TYR A 893 15.59 -10.42 7.95
C TYR A 893 15.97 -8.95 7.76
N LEU A 894 15.01 -8.07 7.98
CA LEU A 894 15.25 -6.62 7.97
C LEU A 894 16.11 -6.12 9.12
N LYS A 895 15.96 -6.70 10.30
CA LYS A 895 16.83 -6.36 11.42
C LYS A 895 18.28 -6.62 11.03
N ASP A 896 18.52 -7.75 10.36
CA ASP A 896 19.86 -8.19 10.02
C ASP A 896 20.46 -7.47 8.83
N SER A 897 19.64 -7.22 7.81
CA SER A 897 20.12 -6.55 6.62
C SER A 897 20.49 -5.09 6.92
N LEU A 898 19.71 -4.44 7.78
CA LEU A 898 20.00 -3.08 8.22
C LEU A 898 20.92 -3.00 9.44
N ALA A 899 21.23 -4.15 10.05
CA ALA A 899 22.13 -4.21 11.22
C ALA A 899 21.79 -3.16 12.28
N LEU A 900 20.50 -3.06 12.59
CA LEU A 900 20.00 -2.05 13.50
C LEU A 900 20.50 -2.24 14.93
N GLY A 901 21.01 -3.42 15.23
CA GLY A 901 21.59 -3.71 16.55
C GLY A 901 22.93 -3.04 16.74
N LYS A 902 23.64 -2.79 15.64
CA LYS A 902 25.01 -2.27 15.68
C LYS A 902 25.06 -0.74 15.62
N THR A 903 26.19 -0.20 16.07
CA THR A 903 26.55 1.19 15.80
C THR A 903 26.76 1.37 14.28
N GLU A 904 26.72 2.62 13.82
CA GLU A 904 27.01 2.91 12.42
C GLU A 904 28.47 2.57 12.02
N GLU A 905 29.33 2.41 13.01
CA GLU A 905 30.71 2.02 12.72
C GLU A 905 30.75 0.55 12.35
N GLU A 906 30.19 -0.29 13.22
CA GLU A 906 30.13 -1.74 12.99
C GLU A 906 29.29 -2.09 11.77
N ALA A 907 28.12 -1.47 11.63
CA ALA A 907 27.25 -1.78 10.50
C ALA A 907 27.96 -1.51 9.17
N LEU A 908 28.63 -0.36 9.08
CA LEU A 908 29.40 0.00 7.89
C LEU A 908 30.61 -0.91 7.67
N LYS A 909 31.17 -1.44 8.76
CA LYS A 909 32.25 -2.44 8.69
C LYS A 909 31.70 -3.73 8.07
N HIS A 910 30.60 -4.21 8.66
CA HIS A 910 29.88 -5.40 8.22
C HIS A 910 29.43 -5.28 6.76
N PHE A 911 28.80 -4.15 6.42
CA PHE A 911 28.37 -3.92 5.04
C PHE A 911 29.55 -3.98 4.06
N ARG A 912 30.68 -3.41 4.49
CA ARG A 912 31.89 -3.40 3.66
C ARG A 912 32.39 -4.78 3.30
N VAL A 913 32.31 -5.71 4.25
CA VAL A 913 32.71 -7.09 4.01
C VAL A 913 31.78 -7.72 2.97
N LYS A 914 30.47 -7.62 3.19
CA LYS A 914 29.47 -8.16 2.26
C LYS A 914 29.68 -7.63 0.85
N PHE A 915 29.93 -6.32 0.75
CA PHE A 915 30.22 -5.67 -0.53
C PHE A 915 31.48 -6.26 -1.18
N ASN A 916 32.59 -6.27 -0.44
CA ASN A 916 33.83 -6.86 -0.93
C ASN A 916 33.64 -8.32 -1.33
N GLU A 917 32.89 -9.07 -0.52
CA GLU A 917 32.55 -10.45 -0.82
C GLU A 917 31.85 -10.60 -2.17
N ALA A 918 30.99 -9.63 -2.48
CA ALA A 918 30.26 -9.59 -3.75
C ALA A 918 31.17 -9.26 -4.93
N LEU A 919 32.13 -8.36 -4.73
CA LEU A 919 33.10 -7.97 -5.76
C LEU A 919 33.99 -9.15 -6.15
N ARG A 920 34.39 -9.96 -5.16
CA ARG A 920 35.16 -11.18 -5.39
C ARG A 920 34.36 -12.19 -6.20
N GLU A 921 33.05 -12.20 -5.99
CA GLU A 921 32.13 -13.04 -6.73
C GLU A 921 31.94 -12.56 -8.18
N SER A 922 32.20 -11.27 -8.42
CA SER A 922 32.29 -10.70 -9.76
C SER A 922 33.53 -11.34 -10.43
N TRP A 923 33.30 -12.26 -11.36
CA TRP A 923 34.33 -13.23 -11.83
C TRP A 923 35.39 -13.59 -10.79
CAY ZZP B . 7.95 -1.25 -15.44
OBE ZZP B . 8.23 -0.97 -16.81
CAK ZZP B . 8.23 -2.04 -17.65
CBF ZZP B . 7.81 -3.31 -17.27
CAW ZZP B . 8.67 -1.80 -18.97
CBB ZZP B . 8.68 -2.85 -19.89
OBC ZZP B . 9.10 -2.64 -21.18
CBD ZZP B . 9.34 -3.87 -21.92
CBA ZZP B . 8.26 -4.12 -19.51
CAZ ZZP B . 7.81 -4.37 -18.20
NAX ZZP B . 7.43 -5.61 -17.96
CAR ZZP B . 7.10 -6.18 -16.79
NAS ZZP B . 7.13 -5.49 -15.61
CAT ZZP B . 6.82 -6.12 -14.45
CAU ZZP B . 6.85 -5.43 -13.24
CAV ZZP B . 6.52 -6.07 -12.04
CAQ ZZP B . 6.14 -7.42 -12.06
CAP ZZP B . 6.12 -8.12 -13.27
CAO ZZP B . 6.46 -7.45 -14.45
NAN ZZP B . 6.41 -8.11 -15.62
CAM ZZP B . 6.73 -7.53 -16.77
NAL ZZP B . 6.67 -8.26 -17.89
SAI ZZP B . 6.42 -9.89 -17.87
OAJ ZZP B . 6.22 -10.39 -19.25
OAH ZZP B . 5.20 -10.23 -17.00
CAG ZZP B . 7.85 -10.64 -17.18
CAF ZZP B . 7.70 -11.60 -16.18
CAE ZZP B . 8.84 -12.18 -15.63
CAB ZZP B . 10.11 -11.78 -16.09
FAA ZZP B . 11.21 -12.35 -15.56
CAC ZZP B . 10.25 -10.83 -17.10
CAD ZZP B . 9.10 -10.26 -17.64
#